data_5OGR
#
_entry.id   5OGR
#
_cell.length_a   65.484
_cell.length_b   78.072
_cell.length_c   77.663
_cell.angle_alpha   90.000
_cell.angle_beta   91.240
_cell.angle_gamma   90.000
#
_symmetry.space_group_name_H-M   'P 1 21 1'
#
loop_
_entity.id
_entity.type
_entity.pdbx_description
1 polymer 'Cathepsin B-like peptidase (C01 family)'
2 non-polymer '3-[[N-[4-METHYL-PIPERAZINYL]CARBONYL]-PHENYLALANINYL-AMINO]-5-PHENYL-PENTANE-1-SULFONIC ACID BENZYLOXY-AMIDE'
3 non-polymer 'ACETATE ION'
4 water water
#
_entity_poly.entity_id   1
_entity_poly.type   'polypeptide(L)'
_entity_poly.pdbx_seq_one_letter_code
;VEIPSSFDSRKKWPRCKSIATIRDQSRCGSCWAFGAVEAMSDRSCIQSGGKQNVELSAVDLLSCCESCGLGCEGGILGPA
WDYWVKEGIVTGSSKENHAGCEPYPFPKCEHHTKGKYPPCGSKIYKTPRCKQTCQKKYKTPYTQDKHRGKSSYNVKNDEK
AIQKEIMKYGPVEAGFTVYEDFLNYKSGIYKHITGETLGGHAIRIIGWGVENKAPYWLIANSWNEDWGENGYFRIVRGRD
ECSIESEVTAGRIN
;
_entity_poly.pdbx_strand_id   A,B,C
#
# COMPACT_ATOMS: atom_id res chain seq x y z
N VAL A 1 -30.30 9.97 -2.79
CA VAL A 1 -29.77 9.70 -1.42
C VAL A 1 -30.09 10.90 -0.54
N GLU A 2 -30.23 10.67 0.76
CA GLU A 2 -30.63 11.75 1.65
C GLU A 2 -29.38 12.49 2.06
N ILE A 3 -29.51 13.80 2.22
CA ILE A 3 -28.39 14.62 2.60
C ILE A 3 -28.39 14.77 4.11
N PRO A 4 -27.35 14.23 4.81
CA PRO A 4 -27.30 14.39 6.26
C PRO A 4 -27.02 15.84 6.68
N SER A 5 -27.51 16.20 7.86
CA SER A 5 -27.26 17.56 8.42
C SER A 5 -25.77 17.91 8.57
N SER A 6 -24.93 16.89 8.80
CA SER A 6 -23.48 17.08 8.85
CA SER A 6 -23.48 17.08 8.82
C SER A 6 -22.80 15.93 8.13
N PHE A 7 -21.64 16.22 7.58
CA PHE A 7 -20.83 15.25 6.87
C PHE A 7 -19.37 15.65 6.93
N ASP A 8 -18.48 14.67 7.12
CA ASP A 8 -17.05 14.93 7.18
C ASP A 8 -16.34 13.81 6.41
N SER A 9 -15.64 14.18 5.34
CA SER A 9 -14.94 13.17 4.53
C SER A 9 -13.95 12.37 5.36
N ARG A 10 -13.35 12.95 6.39
CA ARG A 10 -12.41 12.19 7.21
C ARG A 10 -13.08 11.00 7.88
N LYS A 11 -14.32 11.21 8.31
CA LYS A 11 -15.10 10.16 9.01
C LYS A 11 -15.61 9.09 8.07
N LYS A 12 -15.89 9.48 6.81
CA LYS A 12 -16.38 8.45 5.86
C LYS A 12 -15.23 7.57 5.37
N TRP A 13 -14.03 8.16 5.20
CA TRP A 13 -12.89 7.44 4.60
C TRP A 13 -11.62 7.65 5.47
N PRO A 14 -11.63 7.15 6.72
CA PRO A 14 -10.51 7.34 7.64
C PRO A 14 -9.21 6.61 7.22
N ARG A 15 -9.34 5.62 6.34
CA ARG A 15 -8.16 4.95 5.78
C ARG A 15 -7.34 5.93 4.88
N CYS A 16 -7.93 7.05 4.45
CA CYS A 16 -7.26 7.96 3.51
C CYS A 16 -6.67 9.11 4.27
N LYS A 17 -5.43 8.92 4.65
CA LYS A 17 -4.73 9.86 5.54
CA LYS A 17 -4.73 9.87 5.53
C LYS A 17 -4.62 11.26 4.95
N SER A 18 -4.65 11.33 3.61
CA SER A 18 -4.48 12.66 2.98
C SER A 18 -5.61 13.58 3.35
N ILE A 19 -6.81 13.02 3.57
CA ILE A 19 -7.95 13.89 3.82
C ILE A 19 -7.73 14.75 5.05
N ALA A 20 -7.06 14.17 6.06
CA ALA A 20 -6.73 14.87 7.31
C ALA A 20 -5.43 15.63 7.28
N THR A 21 -4.75 15.63 6.15
CA THR A 21 -3.49 16.35 6.00
C THR A 21 -3.71 17.83 5.75
N ILE A 22 -2.97 18.65 6.49
CA ILE A 22 -2.95 20.11 6.24
C ILE A 22 -1.57 20.46 5.68
N ARG A 23 -1.57 21.06 4.48
CA ARG A 23 -0.38 21.43 3.77
C ARG A 23 -0.04 22.93 4.03
N ASP A 24 1.11 23.37 3.52
CA ASP A 24 1.54 24.76 3.58
C ASP A 24 2.11 25.23 2.24
N GLN A 25 1.46 26.21 1.62
CA GLN A 25 1.88 26.83 0.34
CA GLN A 25 1.93 26.70 0.33
C GLN A 25 3.17 27.60 0.47
N SER A 26 3.53 27.96 1.69
CA SER A 26 4.70 28.86 1.92
C SER A 26 4.47 30.22 1.28
N ARG A 27 5.59 30.92 0.94
CA ARG A 27 5.57 32.28 0.38
C ARG A 27 5.32 32.29 -1.12
N CYS A 28 4.18 31.73 -1.54
CA CYS A 28 3.91 31.48 -2.98
C CYS A 28 2.39 31.49 -3.05
N GLY A 29 1.78 32.16 -4.04
CA GLY A 29 0.33 32.10 -4.29
C GLY A 29 -0.11 30.88 -5.04
N SER A 30 0.29 29.72 -4.52
CA SER A 30 0.03 28.43 -5.15
C SER A 30 -1.25 27.73 -4.65
N CYS A 31 -2.09 28.48 -3.95
CA CYS A 31 -3.31 27.92 -3.43
C CYS A 31 -4.07 27.10 -4.45
N TRP A 32 -4.21 27.66 -5.66
CA TRP A 32 -4.90 26.99 -6.76
C TRP A 32 -4.39 25.56 -6.99
N ALA A 33 -3.08 25.39 -6.90
CA ALA A 33 -2.43 24.09 -7.15
C ALA A 33 -2.59 23.20 -5.90
N PHE A 34 -2.52 23.81 -4.70
CA PHE A 34 -2.63 23.02 -3.43
C PHE A 34 -4.04 22.44 -3.29
N GLY A 35 -5.11 23.26 -3.47
CA GLY A 35 -6.42 22.69 -3.31
C GLY A 35 -6.69 21.59 -4.32
N ALA A 36 -6.08 21.72 -5.52
CA ALA A 36 -6.19 20.70 -6.56
C ALA A 36 -5.48 19.41 -6.11
N VAL A 37 -4.18 19.48 -5.85
CA VAL A 37 -3.42 18.21 -5.56
C VAL A 37 -3.92 17.57 -4.28
N GLU A 38 -4.35 18.37 -3.31
CA GLU A 38 -4.91 17.80 -2.09
C GLU A 38 -6.18 16.99 -2.38
N ALA A 39 -7.11 17.61 -3.10
CA ALA A 39 -8.39 16.91 -3.40
C ALA A 39 -8.13 15.73 -4.32
N MET A 40 -7.20 15.87 -5.26
CA MET A 40 -6.85 14.75 -6.13
C MET A 40 -6.21 13.56 -5.36
N SER A 41 -5.41 13.89 -4.37
CA SER A 41 -4.81 12.86 -3.48
C SER A 41 -5.95 12.17 -2.75
N ASP A 42 -6.88 12.94 -2.17
CA ASP A 42 -7.98 12.34 -1.43
C ASP A 42 -8.81 11.43 -2.34
N ARG A 43 -9.20 11.96 -3.50
CA ARG A 43 -10.04 11.23 -4.42
C ARG A 43 -9.37 9.99 -4.98
N SER A 44 -8.07 10.05 -5.21
CA SER A 44 -7.36 8.89 -5.72
CA SER A 44 -7.26 8.91 -5.67
C SER A 44 -7.41 7.75 -4.68
N CYS A 45 -7.23 8.08 -3.40
CA CYS A 45 -7.34 7.10 -2.32
C CYS A 45 -8.79 6.56 -2.22
N ILE A 46 -9.76 7.47 -2.22
CA ILE A 46 -11.17 7.12 -2.08
C ILE A 46 -11.63 6.19 -3.22
N GLN A 47 -11.34 6.63 -4.46
CA GLN A 47 -12.00 6.10 -5.66
C GLN A 47 -11.29 4.86 -6.14
N SER A 48 -10.07 4.63 -5.65
CA SER A 48 -9.24 3.48 -6.01
C SER A 48 -9.35 2.41 -4.95
N GLY A 49 -10.11 2.67 -3.90
CA GLY A 49 -10.13 1.74 -2.76
C GLY A 49 -8.77 1.53 -2.10
N GLY A 50 -7.89 2.53 -2.15
CA GLY A 50 -6.57 2.45 -1.51
C GLY A 50 -5.42 1.91 -2.36
N LYS A 51 -5.71 1.46 -3.57
CA LYS A 51 -4.66 1.03 -4.49
C LYS A 51 -3.75 2.22 -4.88
N GLN A 52 -4.30 3.43 -4.93
CA GLN A 52 -3.47 4.63 -5.09
C GLN A 52 -3.54 5.57 -3.88
N ASN A 53 -2.68 5.31 -2.89
CA ASN A 53 -2.59 6.14 -1.65
C ASN A 53 -1.37 7.02 -1.61
N VAL A 54 -1.44 8.16 -2.27
CA VAL A 54 -0.26 8.93 -2.57
C VAL A 54 -0.48 10.38 -2.11
N GLU A 55 0.63 11.12 -1.91
CA GLU A 55 0.56 12.54 -1.72
C GLU A 55 1.07 13.18 -3.03
N LEU A 56 0.16 13.76 -3.83
CA LEU A 56 0.58 14.31 -5.11
C LEU A 56 1.33 15.65 -4.95
N SER A 57 2.28 15.84 -5.86
CA SER A 57 3.24 16.96 -5.86
C SER A 57 2.61 18.29 -6.27
N ALA A 58 2.52 19.24 -5.32
CA ALA A 58 2.09 20.58 -5.64
C ALA A 58 3.03 21.22 -6.62
N VAL A 59 4.35 20.99 -6.46
CA VAL A 59 5.34 21.71 -7.33
C VAL A 59 5.29 21.25 -8.78
N ASP A 60 4.98 19.98 -9.03
CA ASP A 60 4.87 19.47 -10.42
C ASP A 60 3.75 20.24 -11.18
N LEU A 61 2.58 20.35 -10.54
CA LEU A 61 1.46 21.05 -11.12
C LEU A 61 1.76 22.58 -11.26
N LEU A 62 2.21 23.19 -10.16
CA LEU A 62 2.55 24.61 -10.07
C LEU A 62 3.54 25.03 -11.16
N SER A 63 4.60 24.24 -11.33
CA SER A 63 5.75 24.57 -12.19
C SER A 63 5.52 24.19 -13.63
N CYS A 64 4.78 23.12 -13.90
CA CYS A 64 4.69 22.57 -15.28
C CYS A 64 3.40 22.88 -16.04
N CYS A 65 2.30 23.22 -15.38
CA CYS A 65 1.10 23.48 -16.12
C CYS A 65 1.14 24.82 -16.84
N GLU A 66 1.16 24.80 -18.17
CA GLU A 66 1.31 26.05 -18.90
C GLU A 66 0.03 26.85 -19.10
N SER A 67 -1.11 26.22 -18.93
CA SER A 67 -2.40 26.81 -19.14
C SER A 67 -3.08 27.19 -17.81
N CYS A 68 -2.33 27.11 -16.72
CA CYS A 68 -2.90 27.25 -15.36
C CYS A 68 -2.73 28.65 -14.72
N GLY A 69 -2.26 29.64 -15.47
CA GLY A 69 -2.01 30.97 -14.89
C GLY A 69 -0.57 31.37 -14.70
N LEU A 70 -0.35 32.06 -13.59
CA LEU A 70 0.86 32.76 -13.25
C LEU A 70 1.72 32.13 -12.12
N GLY A 71 1.53 30.85 -11.90
CA GLY A 71 2.38 30.13 -10.93
C GLY A 71 2.18 30.63 -9.53
N CYS A 72 3.25 31.12 -8.90
CA CYS A 72 3.18 31.69 -7.57
C CYS A 72 2.40 33.01 -7.51
N GLU A 73 2.07 33.56 -8.69
CA GLU A 73 1.29 34.80 -8.77
C GLU A 73 -0.17 34.56 -9.09
N GLY A 74 -0.62 33.32 -8.95
CA GLY A 74 -2.07 33.01 -9.01
C GLY A 74 -2.44 32.13 -10.20
N GLY A 75 -3.44 31.30 -9.98
CA GLY A 75 -3.82 30.29 -10.94
C GLY A 75 -5.29 30.00 -11.11
N ILE A 76 -5.56 29.08 -12.01
CA ILE A 76 -6.89 28.84 -12.59
C ILE A 76 -7.27 27.39 -12.29
N LEU A 77 -8.43 27.21 -11.68
CA LEU A 77 -8.84 25.89 -11.13
C LEU A 77 -9.18 24.84 -12.20
N GLY A 78 -9.94 25.23 -13.20
CA GLY A 78 -10.33 24.29 -14.26
C GLY A 78 -9.15 23.65 -14.99
N PRO A 79 -8.18 24.46 -15.44
CA PRO A 79 -7.03 23.95 -16.14
C PRO A 79 -6.15 23.06 -15.26
N ALA A 80 -6.15 23.34 -13.97
CA ALA A 80 -5.40 22.51 -13.04
C ALA A 80 -5.94 21.08 -13.05
N TRP A 81 -7.25 20.95 -13.02
CA TRP A 81 -7.83 19.60 -13.04
C TRP A 81 -7.69 18.95 -14.40
N ASP A 82 -7.77 19.75 -15.48
CA ASP A 82 -7.52 19.20 -16.79
CA ASP A 82 -7.49 19.24 -16.82
C ASP A 82 -6.08 18.71 -16.96
N TYR A 83 -5.12 19.40 -16.36
CA TYR A 83 -3.72 18.98 -16.42
C TYR A 83 -3.57 17.59 -15.77
N TRP A 84 -4.25 17.40 -14.63
CA TRP A 84 -4.23 16.09 -13.96
C TRP A 84 -4.75 14.98 -14.85
N VAL A 85 -5.79 15.28 -15.58
CA VAL A 85 -6.38 14.30 -16.53
C VAL A 85 -5.43 14.06 -17.71
N LYS A 86 -4.93 15.14 -18.33
CA LYS A 86 -4.18 15.00 -19.57
C LYS A 86 -2.71 14.62 -19.39
N GLU A 87 -2.04 15.27 -18.45
CA GLU A 87 -0.60 15.09 -18.21
C GLU A 87 -0.29 14.27 -16.97
N GLY A 88 -1.18 14.29 -15.98
CA GLY A 88 -0.92 13.66 -14.70
C GLY A 88 0.00 14.44 -13.81
N ILE A 89 0.11 14.02 -12.55
CA ILE A 89 0.93 14.71 -11.55
C ILE A 89 1.69 13.62 -10.78
N VAL A 90 2.98 13.84 -10.54
CA VAL A 90 3.81 12.90 -9.78
C VAL A 90 3.58 13.10 -8.28
N THR A 91 4.18 12.23 -7.49
CA THR A 91 4.16 12.32 -6.03
C THR A 91 5.17 13.35 -5.51
N GLY A 92 4.89 13.85 -4.32
CA GLY A 92 5.85 14.69 -3.61
C GLY A 92 5.24 15.29 -2.37
N SER A 93 6.00 15.24 -1.31
CA SER A 93 5.62 15.66 0.03
C SER A 93 5.95 17.12 0.27
N SER A 94 5.80 17.55 1.53
CA SER A 94 6.39 18.83 1.97
C SER A 94 7.89 18.88 1.85
N LYS A 95 8.45 20.08 1.96
CA LYS A 95 9.90 20.23 1.99
CA LYS A 95 9.90 20.27 2.01
C LYS A 95 10.48 19.47 3.19
N GLU A 96 9.82 19.58 4.33
CA GLU A 96 10.30 18.98 5.57
C GLU A 96 10.33 17.45 5.56
N ASN A 97 9.39 16.84 4.84
CA ASN A 97 9.35 15.40 4.72
C ASN A 97 10.23 14.81 3.61
N HIS A 98 10.54 15.64 2.63
CA HIS A 98 11.52 15.34 1.58
C HIS A 98 11.28 13.97 0.92
N ALA A 99 10.01 13.69 0.70
CA ALA A 99 9.54 12.40 0.14
C ALA A 99 8.85 12.50 -1.20
N GLY A 100 8.89 11.38 -1.92
CA GLY A 100 8.22 11.30 -3.21
C GLY A 100 9.10 11.79 -4.32
N CYS A 101 8.50 11.89 -5.51
CA CYS A 101 9.29 12.30 -6.68
C CYS A 101 9.76 13.77 -6.59
N GLU A 102 8.83 14.68 -6.31
CA GLU A 102 9.09 16.10 -6.34
C GLU A 102 8.49 16.78 -5.13
N PRO A 103 9.22 16.72 -3.98
CA PRO A 103 8.77 17.41 -2.78
C PRO A 103 8.78 18.93 -2.97
N TYR A 104 7.96 19.59 -2.18
CA TYR A 104 7.82 21.02 -2.30
C TYR A 104 9.10 21.74 -1.90
N PRO A 105 9.50 22.76 -2.68
CA PRO A 105 10.77 23.41 -2.39
C PRO A 105 10.79 24.46 -1.32
N PHE A 106 9.63 24.90 -0.84
CA PHE A 106 9.55 26.05 0.03
C PHE A 106 9.13 25.64 1.47
N PRO A 107 9.67 26.31 2.50
CA PRO A 107 9.45 25.94 3.89
C PRO A 107 8.14 26.44 4.48
N LYS A 108 7.68 25.76 5.52
CA LYS A 108 6.54 26.24 6.29
C LYS A 108 6.75 27.64 6.88
N CYS A 109 5.68 28.44 6.91
CA CYS A 109 5.76 29.76 7.47
C CYS A 109 4.35 30.17 7.96
N GLU A 110 4.28 31.15 8.86
CA GLU A 110 2.98 31.57 9.42
C GLU A 110 2.33 32.64 8.51
N HIS A 111 1.10 32.37 8.13
CA HIS A 111 0.28 33.20 7.25
C HIS A 111 -0.63 34.12 8.08
N HIS A 112 -0.05 35.26 8.44
CA HIS A 112 -0.75 36.29 9.21
C HIS A 112 -1.36 35.72 10.48
N THR A 113 -0.54 34.96 11.22
CA THR A 113 -1.02 34.31 12.44
C THR A 113 0.16 33.91 13.32
N LYS A 114 -0.11 33.61 14.58
CA LYS A 114 0.90 33.23 15.55
C LYS A 114 1.33 31.78 15.42
N GLY A 115 2.60 31.52 15.59
CA GLY A 115 3.03 30.14 15.74
C GLY A 115 4.53 29.96 15.70
N LYS A 116 4.93 28.69 15.71
CA LYS A 116 6.31 28.34 15.83
C LYS A 116 7.15 28.56 14.55
N TYR A 117 6.51 28.66 13.38
CA TYR A 117 7.25 28.89 12.16
C TYR A 117 7.55 30.37 11.94
N PRO A 118 8.51 30.70 11.06
CA PRO A 118 8.80 32.09 10.79
C PRO A 118 7.63 32.73 10.07
N PRO A 119 7.38 34.01 10.30
CA PRO A 119 6.31 34.64 9.54
C PRO A 119 6.56 34.53 8.03
N CYS A 120 5.51 34.34 7.23
CA CYS A 120 5.67 34.32 5.77
C CYS A 120 6.16 35.69 5.28
N GLY A 121 5.63 36.75 5.87
CA GLY A 121 5.99 38.13 5.46
C GLY A 121 5.45 38.47 4.10
N SER A 122 6.09 39.40 3.42
CA SER A 122 5.54 40.02 2.24
C SER A 122 6.05 39.46 0.91
N LYS A 123 7.21 38.80 0.95
CA LYS A 123 7.90 38.37 -0.26
C LYS A 123 7.24 37.10 -0.80
N ILE A 124 7.19 37.01 -2.12
CA ILE A 124 6.65 35.86 -2.87
C ILE A 124 7.84 35.27 -3.65
N TYR A 125 8.10 33.96 -3.51
CA TYR A 125 9.13 33.29 -4.29
C TYR A 125 8.77 33.28 -5.77
N LYS A 126 9.81 33.25 -6.62
CA LYS A 126 9.63 33.02 -8.02
C LYS A 126 9.05 31.64 -8.25
N THR A 127 8.21 31.47 -9.25
CA THR A 127 7.67 30.17 -9.57
C THR A 127 8.85 29.22 -9.88
N PRO A 128 8.89 28.03 -9.22
CA PRO A 128 9.90 27.07 -9.58
C PRO A 128 9.86 26.70 -11.07
N ARG A 129 11.02 26.36 -11.61
CA ARG A 129 11.15 25.85 -12.97
C ARG A 129 10.49 24.47 -13.08
N CYS A 130 9.94 24.18 -14.24
CA CYS A 130 9.41 22.84 -14.52
C CYS A 130 10.53 21.84 -14.82
N LYS A 131 10.88 21.02 -13.86
CA LYS A 131 12.08 20.18 -13.96
C LYS A 131 11.88 18.77 -14.50
N GLN A 132 10.76 18.16 -14.18
CA GLN A 132 10.40 16.84 -14.75
C GLN A 132 11.48 15.80 -14.54
N THR A 133 12.03 15.84 -13.32
CA THR A 133 13.00 14.88 -12.84
C THR A 133 12.74 14.65 -11.38
N CYS A 134 12.81 13.41 -10.91
CA CYS A 134 12.59 13.18 -9.48
C CYS A 134 13.85 13.52 -8.68
N GLN A 135 13.66 13.75 -7.40
CA GLN A 135 14.79 13.91 -6.50
C GLN A 135 15.67 12.63 -6.57
N LYS A 136 16.96 12.82 -6.30
CA LYS A 136 17.96 11.79 -6.46
C LYS A 136 17.62 10.45 -5.76
N LYS A 137 17.15 10.51 -4.53
CA LYS A 137 16.96 9.27 -3.79
C LYS A 137 15.66 8.56 -4.20
N TYR A 138 14.81 9.22 -4.99
CA TYR A 138 13.52 8.64 -5.39
C TYR A 138 13.75 7.92 -6.67
N LYS A 139 13.58 6.59 -6.64
CA LYS A 139 14.09 5.79 -7.75
C LYS A 139 13.09 5.45 -8.88
N THR A 140 11.81 5.72 -8.65
CA THR A 140 10.81 5.47 -9.69
C THR A 140 10.90 6.57 -10.76
N PRO A 141 10.99 6.20 -12.05
CA PRO A 141 11.07 7.25 -13.10
C PRO A 141 9.92 8.26 -12.98
N TYR A 142 10.24 9.54 -13.23
CA TYR A 142 9.24 10.59 -13.26
C TYR A 142 8.03 10.21 -14.10
N THR A 143 8.26 9.73 -15.34
CA THR A 143 7.14 9.35 -16.20
C THR A 143 6.24 8.24 -15.60
N GLN A 144 6.85 7.30 -14.90
CA GLN A 144 6.12 6.22 -14.29
CA GLN A 144 6.11 6.21 -14.30
C GLN A 144 5.37 6.65 -13.04
N ASP A 145 5.83 7.74 -12.42
CA ASP A 145 5.27 8.22 -11.17
C ASP A 145 4.05 9.10 -11.35
N LYS A 146 3.68 9.39 -12.61
CA LYS A 146 2.53 10.23 -12.91
C LYS A 146 1.23 9.55 -12.54
N HIS A 147 0.37 10.27 -11.82
CA HIS A 147 -1.00 9.84 -11.53
C HIS A 147 -1.97 10.75 -12.27
N ARG A 148 -2.84 10.13 -13.06
CA ARG A 148 -3.79 10.84 -13.91
CA ARG A 148 -3.78 10.83 -13.93
C ARG A 148 -5.25 10.65 -13.49
N GLY A 149 -6.05 11.71 -13.62
CA GLY A 149 -7.49 11.61 -13.53
C GLY A 149 -8.06 11.11 -14.87
N LYS A 150 -9.32 10.70 -14.83
CA LYS A 150 -10.05 10.34 -16.03
C LYS A 150 -10.95 11.45 -16.52
N SER A 151 -11.51 12.23 -15.61
CA SER A 151 -12.37 13.33 -15.96
C SER A 151 -12.26 14.46 -14.98
N SER A 152 -12.63 15.65 -15.45
CA SER A 152 -12.72 16.82 -14.59
C SER A 152 -13.88 17.69 -14.99
N TYR A 153 -14.36 18.49 -14.06
CA TYR A 153 -15.61 19.21 -14.22
C TYR A 153 -15.80 20.27 -13.18
N ASN A 154 -16.62 21.24 -13.55
CA ASN A 154 -17.14 22.17 -12.59
C ASN A 154 -18.42 21.61 -11.93
N VAL A 155 -18.55 21.83 -10.63
CA VAL A 155 -19.73 21.47 -9.88
C VAL A 155 -20.70 22.63 -9.90
N LYS A 156 -21.98 22.29 -10.04
CA LYS A 156 -23.02 23.30 -10.11
C LYS A 156 -23.03 24.24 -8.86
N ASN A 157 -23.32 25.54 -9.05
CA ASN A 157 -23.47 26.47 -7.96
C ASN A 157 -24.77 26.23 -7.23
N ASP A 158 -24.77 25.20 -6.41
CA ASP A 158 -25.97 24.79 -5.72
C ASP A 158 -25.53 23.98 -4.53
N GLU A 159 -25.97 24.42 -3.35
CA GLU A 159 -25.53 23.82 -2.08
C GLU A 159 -25.73 22.31 -2.07
N LYS A 160 -26.92 21.84 -2.49
CA LYS A 160 -27.21 20.39 -2.46
C LYS A 160 -26.39 19.61 -3.46
N ALA A 161 -26.09 20.20 -4.62
CA ALA A 161 -25.22 19.52 -5.60
C ALA A 161 -23.78 19.35 -5.06
N ILE A 162 -23.30 20.36 -4.35
CA ILE A 162 -21.96 20.35 -3.79
C ILE A 162 -21.92 19.33 -2.68
N GLN A 163 -22.93 19.32 -1.81
CA GLN A 163 -23.01 18.28 -0.77
C GLN A 163 -22.99 16.88 -1.35
N LYS A 164 -23.84 16.64 -2.35
CA LYS A 164 -23.89 15.29 -2.92
C LYS A 164 -22.60 14.86 -3.57
N GLU A 165 -21.96 15.81 -4.23
CA GLU A 165 -20.69 15.58 -4.86
C GLU A 165 -19.63 15.13 -3.86
N ILE A 166 -19.52 15.85 -2.75
CA ILE A 166 -18.54 15.50 -1.73
C ILE A 166 -18.78 14.13 -1.14
N MET A 167 -20.01 13.89 -0.78
CA MET A 167 -20.38 12.63 -0.12
CA MET A 167 -20.28 12.65 -0.07
C MET A 167 -20.12 11.42 -0.99
N LYS A 168 -20.35 11.58 -2.29
CA LYS A 168 -20.22 10.46 -3.20
C LYS A 168 -18.80 10.22 -3.67
N TYR A 169 -18.09 11.30 -4.03
CA TYR A 169 -16.79 11.18 -4.70
C TYR A 169 -15.63 11.79 -3.93
N GLY A 170 -15.91 12.58 -2.90
CA GLY A 170 -14.86 13.10 -2.02
C GLY A 170 -14.66 14.60 -2.03
N PRO A 171 -13.67 15.07 -1.28
CA PRO A 171 -13.42 16.53 -1.26
C PRO A 171 -13.35 17.19 -2.60
N VAL A 172 -13.77 18.45 -2.65
CA VAL A 172 -13.71 19.27 -3.89
C VAL A 172 -12.76 20.45 -3.67
N GLU A 173 -12.33 21.07 -4.80
CA GLU A 173 -11.60 22.32 -4.66
C GLU A 173 -12.60 23.45 -4.88
N ALA A 174 -12.41 24.59 -4.24
CA ALA A 174 -13.31 25.74 -4.39
C ALA A 174 -12.52 27.00 -4.30
N GLY A 175 -12.99 28.00 -5.02
CA GLY A 175 -12.43 29.37 -4.96
C GLY A 175 -13.38 30.34 -4.23
N PHE A 176 -12.83 31.31 -3.52
CA PHE A 176 -13.64 32.27 -2.80
C PHE A 176 -12.87 33.62 -2.72
N THR A 177 -13.63 34.66 -2.49
CA THR A 177 -13.13 36.00 -2.43
C THR A 177 -12.53 36.27 -1.08
N VAL A 178 -11.30 36.76 -1.07
CA VAL A 178 -10.60 37.18 0.17
C VAL A 178 -10.77 38.65 0.40
N TYR A 179 -11.49 38.97 1.46
CA TYR A 179 -11.56 40.29 2.02
C TYR A 179 -10.59 40.41 3.20
N GLU A 180 -10.28 41.64 3.59
CA GLU A 180 -9.24 41.86 4.58
C GLU A 180 -9.49 41.10 5.86
N ASP A 181 -10.74 41.02 6.31
CA ASP A 181 -11.01 40.40 7.61
C ASP A 181 -10.72 38.90 7.65
N PHE A 182 -10.65 38.25 6.48
CA PHE A 182 -10.28 36.82 6.45
C PHE A 182 -8.87 36.58 7.00
N LEU A 183 -7.97 37.55 6.82
CA LEU A 183 -6.61 37.37 7.24
C LEU A 183 -6.48 37.40 8.75
N ASN A 184 -7.53 37.86 9.44
CA ASN A 184 -7.51 37.88 10.91
C ASN A 184 -8.36 36.75 11.51
N TYR A 185 -8.76 35.78 10.69
CA TYR A 185 -9.51 34.63 11.20
C TYR A 185 -8.68 33.82 12.17
N LYS A 186 -9.26 33.55 13.33
CA LYS A 186 -8.67 32.60 14.29
C LYS A 186 -9.58 31.37 14.51
N SER A 187 -10.89 31.59 14.62
CA SER A 187 -11.86 30.52 14.88
C SER A 187 -13.26 30.99 14.54
N GLY A 188 -14.15 30.02 14.44
CA GLY A 188 -15.56 30.23 14.30
C GLY A 188 -16.07 30.01 12.87
N ILE A 189 -17.28 30.48 12.62
CA ILE A 189 -17.84 30.39 11.27
C ILE A 189 -17.61 31.74 10.57
N TYR A 190 -16.69 31.74 9.61
CA TYR A 190 -16.31 32.95 8.92
C TYR A 190 -17.44 33.49 8.02
N LYS A 191 -17.57 34.80 8.03
CA LYS A 191 -18.27 35.51 6.98
C LYS A 191 -17.64 36.90 6.86
N HIS A 192 -17.80 37.49 5.68
CA HIS A 192 -17.27 38.84 5.47
C HIS A 192 -18.08 39.90 6.24
N ILE A 193 -17.40 40.60 7.13
CA ILE A 193 -18.02 41.70 7.92
C ILE A 193 -17.35 43.01 7.53
N THR A 194 -16.02 43.03 7.55
CA THR A 194 -15.26 44.22 7.28
C THR A 194 -14.19 44.00 6.28
N GLY A 195 -13.71 45.10 5.71
CA GLY A 195 -12.49 45.06 4.89
C GLY A 195 -12.76 45.05 3.39
N GLU A 196 -11.77 45.52 2.66
CA GLU A 196 -11.94 45.63 1.23
CA GLU A 196 -11.79 45.67 1.23
C GLU A 196 -11.53 44.31 0.57
N THR A 197 -11.90 44.16 -0.70
CA THR A 197 -11.47 43.03 -1.54
C THR A 197 -9.95 43.00 -1.73
N LEU A 198 -9.32 41.86 -1.45
CA LEU A 198 -7.92 41.64 -1.68
C LEU A 198 -7.63 40.78 -2.91
N GLY A 199 -8.39 39.71 -3.09
CA GLY A 199 -8.07 38.75 -4.16
C GLY A 199 -8.91 37.52 -3.98
N GLY A 200 -8.37 36.39 -4.40
CA GLY A 200 -9.12 35.12 -4.28
C GLY A 200 -8.21 34.04 -3.72
N HIS A 201 -8.85 33.05 -3.10
CA HIS A 201 -8.12 31.94 -2.50
C HIS A 201 -8.84 30.65 -2.94
N ALA A 202 -8.07 29.57 -3.01
CA ALA A 202 -8.53 28.27 -3.51
C ALA A 202 -8.17 27.26 -2.44
N ILE A 203 -9.19 26.51 -2.02
CA ILE A 203 -9.08 25.62 -0.84
C ILE A 203 -9.83 24.34 -1.14
N ARG A 204 -9.93 23.48 -0.11
CA ARG A 204 -10.49 22.15 -0.26
C ARG A 204 -11.68 22.04 0.71
N ILE A 205 -12.88 21.80 0.17
CA ILE A 205 -14.05 21.61 1.03
C ILE A 205 -14.15 20.10 1.32
N ILE A 206 -14.18 19.75 2.62
CA ILE A 206 -14.19 18.35 3.01
C ILE A 206 -15.51 17.93 3.64
N GLY A 207 -16.38 18.87 3.99
CA GLY A 207 -17.64 18.48 4.63
C GLY A 207 -18.41 19.69 5.05
N TRP A 208 -19.40 19.47 5.91
CA TRP A 208 -20.27 20.51 6.37
C TRP A 208 -20.88 20.18 7.72
N GLY A 209 -21.47 21.19 8.36
CA GLY A 209 -22.09 21.01 9.61
C GLY A 209 -22.93 22.20 10.02
N VAL A 210 -23.35 22.16 11.28
CA VAL A 210 -24.19 23.22 11.88
CA VAL A 210 -24.21 23.19 11.86
C VAL A 210 -23.72 23.47 13.29
N GLU A 211 -23.71 24.73 13.70
CA GLU A 211 -23.37 25.11 15.06
C GLU A 211 -24.48 26.05 15.55
N ASN A 212 -25.19 25.59 16.58
CA ASN A 212 -26.34 26.36 17.03
CA ASN A 212 -26.46 26.22 17.04
C ASN A 212 -27.26 26.76 15.88
N LYS A 213 -27.55 25.81 14.98
CA LYS A 213 -28.39 26.00 13.80
C LYS A 213 -27.78 26.85 12.66
N ALA A 214 -26.57 27.39 12.86
CA ALA A 214 -25.88 28.15 11.79
C ALA A 214 -25.17 27.16 10.85
N PRO A 215 -25.58 27.09 9.55
CA PRO A 215 -24.89 26.14 8.63
C PRO A 215 -23.49 26.58 8.15
N TYR A 216 -22.55 25.64 8.04
CA TYR A 216 -21.23 25.96 7.50
C TYR A 216 -20.65 24.87 6.60
N TRP A 217 -19.68 25.27 5.79
CA TRP A 217 -18.78 24.31 5.16
C TRP A 217 -17.51 24.16 6.01
N LEU A 218 -16.96 22.94 6.04
CA LEU A 218 -15.71 22.61 6.69
C LEU A 218 -14.64 22.52 5.61
N ILE A 219 -13.65 23.39 5.77
CA ILE A 219 -12.62 23.61 4.74
C ILE A 219 -11.22 23.42 5.31
N ALA A 220 -10.39 22.70 4.57
CA ALA A 220 -9.00 22.62 4.82
C ALA A 220 -8.28 23.76 4.11
N ASN A 221 -7.62 24.58 4.88
CA ASN A 221 -6.72 25.62 4.33
C ASN A 221 -5.36 24.98 4.06
N SER A 222 -4.49 25.71 3.38
CA SER A 222 -3.15 25.30 3.02
C SER A 222 -2.11 26.27 3.61
N TRP A 223 -2.33 26.68 4.84
CA TRP A 223 -1.47 27.60 5.59
C TRP A 223 -0.93 26.98 6.86
N ASN A 224 -0.77 25.66 6.84
CA ASN A 224 -0.26 24.86 7.96
C ASN A 224 -1.22 24.76 9.14
N GLU A 225 -0.90 23.83 10.05
CA GLU A 225 -1.81 23.48 11.17
C GLU A 225 -1.97 24.56 12.24
N ASP A 226 -1.07 25.56 12.24
CA ASP A 226 -1.11 26.63 13.21
C ASP A 226 -2.22 27.66 12.88
N TRP A 227 -2.59 27.74 11.61
CA TRP A 227 -3.61 28.70 11.18
C TRP A 227 -5.03 28.22 11.50
N GLY A 228 -5.87 29.11 12.03
CA GLY A 228 -7.30 28.82 12.12
C GLY A 228 -7.57 27.69 13.11
N GLU A 229 -8.50 26.81 12.78
CA GLU A 229 -8.92 25.74 13.63
C GLU A 229 -8.10 24.49 13.27
N ASN A 230 -6.87 24.44 13.79
CA ASN A 230 -5.95 23.32 13.51
C ASN A 230 -5.68 23.16 12.00
N GLY A 231 -5.71 24.29 11.27
CA GLY A 231 -5.45 24.29 9.84
C GLY A 231 -6.70 24.41 8.98
N TYR A 232 -7.85 24.21 9.60
CA TYR A 232 -9.15 24.27 8.94
C TYR A 232 -9.82 25.61 9.22
N PHE A 233 -10.81 25.91 8.40
CA PHE A 233 -11.81 26.96 8.80
C PHE A 233 -13.21 26.51 8.44
N ARG A 234 -14.19 27.20 9.04
CA ARG A 234 -15.58 27.05 8.68
C ARG A 234 -16.08 28.38 8.13
N ILE A 235 -16.96 28.27 7.16
CA ILE A 235 -17.54 29.45 6.48
C ILE A 235 -19.02 29.21 6.31
N VAL A 236 -19.80 30.30 6.33
CA VAL A 236 -21.23 30.22 6.06
C VAL A 236 -21.53 29.41 4.78
N ARG A 237 -22.49 28.50 4.92
CA ARG A 237 -22.96 27.62 3.86
C ARG A 237 -24.37 28.01 3.42
N GLY A 238 -24.57 28.08 2.11
CA GLY A 238 -25.86 28.21 1.50
C GLY A 238 -26.26 29.60 1.10
N ARG A 239 -25.37 30.58 1.31
CA ARG A 239 -25.65 31.97 0.92
CA ARG A 239 -25.61 31.98 0.97
C ARG A 239 -24.61 32.49 -0.08
N ASP A 240 -23.86 31.56 -0.72
CA ASP A 240 -22.77 31.91 -1.63
C ASP A 240 -21.87 32.96 -0.99
N GLU A 241 -21.53 32.73 0.28
CA GLU A 241 -20.69 33.65 1.04
C GLU A 241 -19.31 33.77 0.39
N CYS A 242 -18.87 34.99 0.05
CA CYS A 242 -17.58 35.19 -0.60
C CYS A 242 -17.47 34.36 -1.89
N SER A 243 -18.61 34.08 -2.49
CA SER A 243 -18.68 33.26 -3.70
C SER A 243 -18.20 31.78 -3.53
N ILE A 244 -18.30 31.25 -2.31
CA ILE A 244 -17.78 29.95 -1.97
C ILE A 244 -18.43 28.79 -2.74
N GLU A 245 -19.67 28.99 -3.19
CA GLU A 245 -20.40 27.98 -3.97
C GLU A 245 -20.28 28.18 -5.47
N SER A 246 -19.48 29.16 -5.91
CA SER A 246 -19.45 29.61 -7.32
C SER A 246 -18.33 29.09 -8.19
N GLU A 247 -17.26 28.55 -7.58
CA GLU A 247 -16.07 28.14 -8.31
C GLU A 247 -15.63 26.75 -7.81
N VAL A 248 -16.59 25.83 -7.68
CA VAL A 248 -16.27 24.48 -7.18
C VAL A 248 -15.89 23.59 -8.40
N THR A 249 -14.76 22.90 -8.26
CA THR A 249 -14.13 22.13 -9.32
C THR A 249 -13.68 20.80 -8.75
N ALA A 250 -13.89 19.74 -9.52
CA ALA A 250 -13.38 18.41 -9.12
C ALA A 250 -13.23 17.50 -10.32
N GLY A 251 -13.09 16.20 -10.05
CA GLY A 251 -12.81 15.23 -11.10
C GLY A 251 -12.71 13.83 -10.51
N ARG A 252 -12.58 12.83 -11.39
CA ARG A 252 -12.59 11.44 -10.93
CA ARG A 252 -12.65 11.42 -10.99
C ARG A 252 -11.51 10.67 -11.63
N ILE A 253 -11.04 9.62 -10.96
CA ILE A 253 -9.98 8.77 -11.54
C ILE A 253 -10.57 7.68 -12.41
N ASN A 254 -11.84 7.37 -12.22
CA ASN A 254 -12.49 6.34 -13.02
C ASN A 254 -13.93 6.64 -13.34
N VAL B 1 10.19 -18.90 12.53
CA VAL B 1 9.19 -19.57 13.41
C VAL B 1 8.04 -20.14 12.53
N GLU B 2 7.58 -21.36 12.82
CA GLU B 2 6.47 -21.93 12.06
C GLU B 2 5.17 -21.31 12.57
N ILE B 3 4.25 -21.12 11.64
CA ILE B 3 2.95 -20.53 11.91
C ILE B 3 1.89 -21.64 12.02
N PRO B 4 1.28 -21.83 13.21
CA PRO B 4 0.21 -22.82 13.29
C PRO B 4 -1.02 -22.46 12.49
N SER B 5 -1.78 -23.45 12.05
CA SER B 5 -2.96 -23.20 11.23
C SER B 5 -4.06 -22.43 12.01
N SER B 6 -4.01 -22.52 13.34
CA SER B 6 -4.89 -21.72 14.19
CA SER B 6 -4.89 -21.72 14.18
C SER B 6 -4.11 -21.23 15.40
N PHE B 7 -4.54 -20.08 15.93
CA PHE B 7 -3.93 -19.48 17.10
C PHE B 7 -4.94 -18.62 17.80
N ASP B 8 -4.96 -18.68 19.13
CA ASP B 8 -5.86 -17.86 19.92
C ASP B 8 -5.07 -17.32 21.10
N SER B 9 -4.92 -16.01 21.20
CA SER B 9 -4.16 -15.39 22.32
C SER B 9 -4.71 -15.81 23.69
N ARG B 10 -6.01 -16.02 23.77
CA ARG B 10 -6.63 -16.43 25.07
C ARG B 10 -6.07 -17.77 25.52
N LYS B 11 -5.85 -18.68 24.57
CA LYS B 11 -5.28 -20.04 24.85
C LYS B 11 -3.79 -20.00 25.23
N LYS B 12 -3.01 -19.08 24.65
CA LYS B 12 -1.59 -19.05 24.96
C LYS B 12 -1.34 -18.37 26.32
N TRP B 13 -2.18 -17.38 26.65
CA TRP B 13 -2.00 -16.58 27.86
C TRP B 13 -3.29 -16.45 28.68
N PRO B 14 -3.78 -17.61 29.21
CA PRO B 14 -5.06 -17.58 29.89
C PRO B 14 -5.00 -16.84 31.22
N ARG B 15 -3.82 -16.59 31.77
CA ARG B 15 -3.77 -15.81 33.00
C ARG B 15 -4.09 -14.30 32.77
N CYS B 16 -4.05 -13.90 31.49
CA CYS B 16 -4.28 -12.49 31.14
C CYS B 16 -5.76 -12.28 30.85
N LYS B 17 -6.51 -11.87 31.89
CA LYS B 17 -7.97 -11.85 31.79
C LYS B 17 -8.41 -10.83 30.73
N SER B 18 -7.61 -9.78 30.53
CA SER B 18 -7.96 -8.70 29.57
C SER B 18 -8.17 -9.28 28.18
N ILE B 19 -7.42 -10.30 27.81
CA ILE B 19 -7.50 -10.81 26.42
C ILE B 19 -8.89 -11.28 26.09
N ALA B 20 -9.57 -11.84 27.09
CA ALA B 20 -10.90 -12.37 26.93
C ALA B 20 -12.02 -11.39 27.34
N THR B 21 -11.63 -10.17 27.69
CA THR B 21 -12.54 -9.11 28.06
C THR B 21 -13.12 -8.46 26.80
N ILE B 22 -14.43 -8.31 26.74
CA ILE B 22 -15.11 -7.54 25.66
C ILE B 22 -15.60 -6.26 26.30
N ARG B 23 -15.14 -5.12 25.76
CA ARG B 23 -15.55 -3.81 26.20
C ARG B 23 -16.73 -3.24 25.38
N ASP B 24 -17.17 -2.06 25.78
CA ASP B 24 -18.25 -1.33 25.08
C ASP B 24 -17.93 0.19 25.01
N GLN B 25 -17.78 0.68 23.77
CA GLN B 25 -17.60 2.08 23.49
C GLN B 25 -18.74 2.97 23.86
N SER B 26 -19.94 2.40 23.98
CA SER B 26 -21.16 3.20 24.14
C SER B 26 -21.45 4.06 22.93
N ARG B 27 -22.18 5.16 23.12
CA ARG B 27 -22.61 6.03 22.05
C ARG B 27 -21.47 7.05 21.79
N CYS B 28 -20.29 6.57 21.42
CA CYS B 28 -19.11 7.42 21.23
C CYS B 28 -18.29 6.67 20.18
N GLY B 29 -17.76 7.35 19.15
CA GLY B 29 -16.89 6.73 18.16
C GLY B 29 -15.47 6.60 18.59
N SER B 30 -15.29 5.96 19.74
CA SER B 30 -14.00 5.84 20.44
C SER B 30 -13.29 4.53 20.12
N CYS B 31 -13.75 3.81 19.10
CA CYS B 31 -13.14 2.54 18.68
C CYS B 31 -11.61 2.55 18.61
N TRP B 32 -11.09 3.64 18.05
CA TRP B 32 -9.69 3.85 17.85
C TRP B 32 -8.95 3.76 19.19
N ALA B 33 -9.56 4.26 20.25
CA ALA B 33 -8.95 4.26 21.60
C ALA B 33 -9.15 2.92 22.26
N PHE B 34 -10.31 2.30 22.03
CA PHE B 34 -10.63 1.01 22.71
C PHE B 34 -9.71 -0.08 22.18
N GLY B 35 -9.63 -0.19 20.87
CA GLY B 35 -8.70 -1.18 20.28
C GLY B 35 -7.29 -1.03 20.82
N ALA B 36 -6.88 0.23 20.98
CA ALA B 36 -5.55 0.53 21.47
C ALA B 36 -5.40 0.07 22.93
N VAL B 37 -6.22 0.63 23.83
CA VAL B 37 -5.99 0.37 25.28
C VAL B 37 -6.26 -1.11 25.56
N GLU B 38 -7.16 -1.76 24.82
CA GLU B 38 -7.33 -3.19 25.06
C GLU B 38 -6.07 -3.98 24.71
N ALA B 39 -5.55 -3.73 23.51
CA ALA B 39 -4.31 -4.46 23.05
C ALA B 39 -3.10 -4.11 23.99
N MET B 40 -3.06 -2.85 24.42
CA MET B 40 -2.03 -2.42 25.37
C MET B 40 -2.15 -3.15 26.70
N SER B 41 -3.38 -3.32 27.18
CA SER B 41 -3.61 -4.02 28.44
C SER B 41 -3.14 -5.47 28.27
N ASP B 42 -3.54 -6.11 27.18
CA ASP B 42 -3.13 -7.48 26.91
C ASP B 42 -1.63 -7.64 26.86
N ARG B 43 -0.97 -6.74 26.11
CA ARG B 43 0.45 -6.81 25.89
C ARG B 43 1.25 -6.53 27.19
N SER B 44 0.71 -5.67 28.04
N SER B 44 0.73 -5.65 28.04
CA SER B 44 1.36 -5.34 29.29
CA SER B 44 1.36 -5.38 29.34
C SER B 44 1.31 -6.54 30.24
C SER B 44 1.39 -6.69 30.11
N CYS B 45 0.24 -7.35 30.18
CA CYS B 45 0.14 -8.58 30.99
C CYS B 45 1.04 -9.67 30.41
N ILE B 46 0.98 -9.84 29.11
CA ILE B 46 1.83 -10.82 28.43
C ILE B 46 3.31 -10.55 28.63
N GLN B 47 3.72 -9.31 28.32
CA GLN B 47 5.12 -8.97 28.07
C GLN B 47 5.79 -8.70 29.38
N SER B 48 4.99 -8.44 30.41
CA SER B 48 5.53 -8.23 31.75
C SER B 48 5.50 -9.50 32.58
N GLY B 49 5.02 -10.61 32.04
CA GLY B 49 4.82 -11.79 32.88
C GLY B 49 3.86 -11.59 34.05
N GLY B 50 2.95 -10.62 33.96
CA GLY B 50 1.86 -10.47 34.94
C GLY B 50 2.02 -9.38 35.95
N LYS B 51 3.27 -8.95 36.15
CA LYS B 51 3.66 -7.80 37.00
C LYS B 51 2.77 -6.58 36.73
N GLN B 52 2.43 -6.39 35.45
CA GLN B 52 1.45 -5.37 35.03
C GLN B 52 0.20 -6.03 34.40
N ASN B 53 -0.61 -6.66 35.25
CA ASN B 53 -1.95 -7.11 34.86
C ASN B 53 -2.97 -6.02 35.23
N VAL B 54 -3.40 -5.25 34.22
CA VAL B 54 -4.19 -4.06 34.43
C VAL B 54 -5.15 -3.84 33.28
N GLU B 55 -6.12 -2.97 33.54
CA GLU B 55 -7.08 -2.60 32.55
C GLU B 55 -6.94 -1.10 32.31
N LEU B 56 -6.37 -0.77 31.14
CA LEU B 56 -6.08 0.62 30.86
C LEU B 56 -7.30 1.43 30.46
N SER B 57 -7.27 2.68 30.86
CA SER B 57 -8.42 3.61 30.71
C SER B 57 -8.65 4.12 29.30
N ALA B 58 -9.75 3.70 28.69
CA ALA B 58 -10.08 4.24 27.38
C ALA B 58 -10.28 5.77 27.44
N VAL B 59 -10.92 6.27 28.50
CA VAL B 59 -11.25 7.68 28.54
C VAL B 59 -9.99 8.58 28.65
N ASP B 60 -8.95 8.11 29.35
CA ASP B 60 -7.71 8.89 29.48
C ASP B 60 -7.12 9.17 28.08
N LEU B 61 -6.99 8.10 27.28
CA LEU B 61 -6.49 8.26 25.92
C LEU B 61 -7.45 9.09 25.04
N LEU B 62 -8.71 8.69 25.04
CA LEU B 62 -9.78 9.35 24.27
C LEU B 62 -9.79 10.86 24.51
N SER B 63 -9.66 11.27 25.78
CA SER B 63 -9.93 12.66 26.14
C SER B 63 -8.67 13.49 26.13
N CYS B 64 -7.51 12.88 26.34
CA CYS B 64 -6.25 13.64 26.54
C CYS B 64 -5.31 13.64 25.34
N CYS B 65 -5.48 12.69 24.41
CA CYS B 65 -4.54 12.69 23.30
C CYS B 65 -4.90 13.77 22.28
N GLU B 66 -4.06 14.77 22.16
CA GLU B 66 -4.40 15.89 21.27
C GLU B 66 -4.04 15.66 19.83
N SER B 67 -3.24 14.64 19.53
CA SER B 67 -2.83 14.34 18.18
C SER B 67 -3.54 13.13 17.61
N CYS B 68 -4.59 12.69 18.30
CA CYS B 68 -5.24 11.45 17.93
C CYS B 68 -6.53 11.60 17.15
N GLY B 69 -6.86 12.82 16.72
CA GLY B 69 -8.06 13.09 15.94
C GLY B 69 -9.19 13.79 16.71
N LEU B 70 -10.41 13.32 16.54
CA LEU B 70 -11.65 14.00 16.90
C LEU B 70 -12.40 13.37 18.07
N GLY B 71 -11.72 12.53 18.84
CA GLY B 71 -12.31 11.99 20.06
C GLY B 71 -13.45 11.05 19.75
N CYS B 72 -14.66 11.42 20.21
CA CYS B 72 -15.86 10.63 19.95
C CYS B 72 -16.30 10.68 18.52
N GLU B 73 -15.67 11.56 17.72
CA GLU B 73 -15.97 11.68 16.29
C GLU B 73 -14.90 11.03 15.39
N GLY B 74 -14.07 10.17 15.95
CA GLY B 74 -13.13 9.37 15.13
C GLY B 74 -11.69 9.71 15.43
N GLY B 75 -10.80 8.71 15.42
CA GLY B 75 -9.41 8.91 15.74
C GLY B 75 -8.45 8.07 14.93
N ILE B 76 -7.19 8.29 15.26
CA ILE B 76 -6.03 7.84 14.45
C ILE B 76 -5.18 6.84 15.23
N LEU B 77 -4.95 5.67 14.63
CA LEU B 77 -4.32 4.55 15.36
C LEU B 77 -2.87 4.81 15.72
N GLY B 78 -2.05 5.24 14.75
CA GLY B 78 -0.64 5.45 15.06
C GLY B 78 -0.37 6.39 16.20
N PRO B 79 -1.02 7.56 16.18
CA PRO B 79 -0.82 8.50 17.32
C PRO B 79 -1.30 7.97 18.71
N ALA B 80 -2.28 7.09 18.69
CA ALA B 80 -2.79 6.50 19.90
C ALA B 80 -1.69 5.65 20.55
N TRP B 81 -0.99 4.86 19.75
CA TRP B 81 0.11 4.08 20.33
C TRP B 81 1.30 4.95 20.68
N ASP B 82 1.55 5.98 19.89
CA ASP B 82 2.58 6.99 20.21
CA ASP B 82 2.63 6.90 20.26
C ASP B 82 2.32 7.62 21.57
N TYR B 83 1.05 7.95 21.82
CA TYR B 83 0.64 8.56 23.11
C TYR B 83 0.99 7.67 24.31
N TRP B 84 0.66 6.38 24.17
CA TRP B 84 1.06 5.38 25.16
C TRP B 84 2.52 5.32 25.44
N VAL B 85 3.32 5.46 24.41
CA VAL B 85 4.75 5.51 24.55
C VAL B 85 5.22 6.79 25.20
N LYS B 86 4.68 7.92 24.79
CA LYS B 86 5.27 9.17 25.25
C LYS B 86 4.71 9.60 26.59
N GLU B 87 3.40 9.55 26.69
CA GLU B 87 2.64 10.08 27.85
C GLU B 87 2.16 8.98 28.77
N GLY B 88 1.90 7.80 28.22
CA GLY B 88 1.32 6.75 28.98
C GLY B 88 -0.17 6.96 29.23
N ILE B 89 -0.80 5.89 29.76
CA ILE B 89 -2.23 5.82 29.95
C ILE B 89 -2.50 5.21 31.34
N VAL B 90 -3.42 5.80 32.08
CA VAL B 90 -3.74 5.29 33.42
C VAL B 90 -4.69 4.12 33.36
N THR B 91 -4.97 3.55 34.54
CA THR B 91 -5.95 2.49 34.65
C THR B 91 -7.43 3.03 34.67
N GLY B 92 -8.36 2.18 34.25
CA GLY B 92 -9.79 2.47 34.39
C GLY B 92 -10.66 1.45 33.71
N SER B 93 -11.71 1.08 34.41
CA SER B 93 -12.64 0.00 34.00
C SER B 93 -13.82 0.61 33.24
N SER B 94 -14.84 -0.23 32.98
CA SER B 94 -16.14 0.22 32.47
C SER B 94 -16.85 1.14 33.47
N LYS B 95 -17.91 1.78 33.00
CA LYS B 95 -18.73 2.61 33.87
C LYS B 95 -19.32 1.76 35.01
N GLU B 96 -19.70 0.57 34.65
CA GLU B 96 -20.45 -0.32 35.52
C GLU B 96 -19.52 -0.93 36.59
N ASN B 97 -18.24 -1.13 36.29
CA ASN B 97 -17.32 -1.65 37.31
C ASN B 97 -16.68 -0.57 38.20
N HIS B 98 -16.68 0.65 37.66
CA HIS B 98 -16.01 1.84 38.25
C HIS B 98 -14.80 1.60 39.14
N ALA B 99 -13.83 0.95 38.54
CA ALA B 99 -12.56 0.66 39.15
C ALA B 99 -11.47 1.42 38.42
N GLY B 100 -10.35 1.54 39.14
CA GLY B 100 -9.16 2.12 38.57
C GLY B 100 -9.23 3.63 38.64
N CYS B 101 -8.23 4.26 38.07
CA CYS B 101 -8.10 5.72 38.14
C CYS B 101 -9.24 6.49 37.42
N GLU B 102 -9.53 6.12 36.18
CA GLU B 102 -10.49 6.84 35.35
C GLU B 102 -11.38 5.85 34.58
N PRO B 103 -12.42 5.39 35.25
CA PRO B 103 -13.38 4.46 34.59
C PRO B 103 -14.13 5.18 33.48
N TYR B 104 -14.63 4.42 32.51
CA TYR B 104 -15.32 5.03 31.35
C TYR B 104 -16.65 5.69 31.76
N PRO B 105 -16.96 6.89 31.20
CA PRO B 105 -18.14 7.63 31.69
C PRO B 105 -19.48 7.22 31.13
N PHE B 106 -19.49 6.35 30.12
CA PHE B 106 -20.65 6.11 29.32
C PHE B 106 -21.12 4.67 29.46
N PRO B 107 -22.45 4.48 29.38
CA PRO B 107 -23.03 3.17 29.71
C PRO B 107 -23.09 2.20 28.54
N LYS B 108 -23.07 0.92 28.82
CA LYS B 108 -23.35 -0.10 27.77
C LYS B 108 -24.68 0.08 27.01
N CYS B 109 -24.65 -0.20 25.71
CA CYS B 109 -25.86 -0.08 24.88
C CYS B 109 -25.70 -1.04 23.70
N GLU B 110 -26.81 -1.44 23.08
CA GLU B 110 -26.75 -2.34 21.94
C GLU B 110 -26.52 -1.61 20.64
N HIS B 111 -25.50 -2.13 19.94
CA HIS B 111 -25.07 -1.59 18.68
C HIS B 111 -25.73 -2.33 17.49
N HIS B 112 -26.91 -1.87 17.12
CA HIS B 112 -27.69 -2.46 16.02
C HIS B 112 -27.86 -3.99 16.13
N THR B 113 -28.22 -4.41 17.33
CA THR B 113 -28.37 -5.82 17.61
C THR B 113 -29.23 -6.00 18.85
N LYS B 114 -29.79 -7.21 18.99
CA LYS B 114 -30.66 -7.55 20.10
C LYS B 114 -29.88 -7.90 21.36
N GLY B 115 -30.41 -7.48 22.50
CA GLY B 115 -29.79 -7.88 23.77
C GLY B 115 -30.37 -7.13 24.97
N LYS B 116 -29.73 -7.31 26.11
CA LYS B 116 -30.24 -6.79 27.39
C LYS B 116 -29.98 -5.32 27.76
N TYR B 117 -29.17 -4.61 26.99
CA TYR B 117 -28.97 -3.18 27.24
C TYR B 117 -29.87 -2.36 26.33
N PRO B 118 -30.07 -1.08 26.66
CA PRO B 118 -30.86 -0.20 25.77
C PRO B 118 -30.21 -0.04 24.39
N PRO B 119 -31.00 0.21 23.33
CA PRO B 119 -30.38 0.52 22.05
C PRO B 119 -29.44 1.74 22.12
N CYS B 120 -28.33 1.67 21.42
CA CYS B 120 -27.43 2.85 21.35
C CYS B 120 -28.16 4.00 20.64
N GLY B 121 -28.94 3.66 19.63
CA GLY B 121 -29.60 4.68 18.79
C GLY B 121 -28.56 5.52 18.07
N SER B 122 -28.96 6.69 17.61
CA SER B 122 -28.10 7.51 16.73
C SER B 122 -27.24 8.58 17.43
N LYS B 123 -27.59 8.95 18.66
CA LYS B 123 -26.87 10.04 19.37
C LYS B 123 -25.40 9.73 19.61
N ILE B 124 -24.53 10.76 19.48
CA ILE B 124 -23.13 10.63 19.83
C ILE B 124 -22.81 11.61 20.93
N TYR B 125 -22.22 11.11 22.02
CA TYR B 125 -21.84 11.93 23.14
C TYR B 125 -20.66 12.85 22.75
N LYS B 126 -20.59 13.98 23.45
CA LYS B 126 -19.43 14.87 23.33
C LYS B 126 -18.22 14.18 23.89
N THR B 127 -17.05 14.36 23.24
CA THR B 127 -15.80 13.84 23.79
C THR B 127 -15.65 14.36 25.24
N PRO B 128 -15.45 13.44 26.19
CA PRO B 128 -15.17 13.85 27.56
C PRO B 128 -13.96 14.81 27.69
N ARG B 129 -14.00 15.67 28.70
CA ARG B 129 -12.86 16.57 29.02
C ARG B 129 -11.68 15.76 29.52
N CYS B 130 -10.49 16.24 29.25
CA CYS B 130 -9.28 15.60 29.75
C CYS B 130 -9.09 16.05 31.19
N LYS B 131 -9.43 15.18 32.13
CA LYS B 131 -9.40 15.57 33.55
C LYS B 131 -8.07 15.39 34.29
N GLN B 132 -7.36 14.32 34.01
CA GLN B 132 -6.06 14.07 34.63
C GLN B 132 -6.09 14.06 36.16
N THR B 133 -7.13 13.40 36.66
CA THR B 133 -7.36 13.22 38.08
CA THR B 133 -7.37 13.21 38.09
C THR B 133 -8.03 11.89 38.29
N CYS B 134 -7.59 11.09 39.26
CA CYS B 134 -8.30 9.84 39.48
C CYS B 134 -9.60 10.02 40.25
N GLN B 135 -10.49 9.04 40.11
CA GLN B 135 -11.68 8.99 40.95
C GLN B 135 -11.32 9.00 42.43
N LYS B 136 -12.23 9.51 43.25
CA LYS B 136 -12.00 9.71 44.69
C LYS B 136 -11.44 8.47 45.40
N LYS B 137 -12.09 7.33 45.22
CA LYS B 137 -11.71 6.13 45.98
C LYS B 137 -10.37 5.54 45.54
N TYR B 138 -9.89 5.91 44.34
CA TYR B 138 -8.64 5.35 43.80
C TYR B 138 -7.46 6.13 44.31
N LYS B 139 -6.60 5.50 45.09
CA LYS B 139 -5.61 6.24 45.82
C LYS B 139 -4.21 6.30 45.24
N THR B 140 -4.01 5.74 44.05
CA THR B 140 -2.71 5.91 43.40
C THR B 140 -2.80 7.22 42.57
N PRO B 141 -1.87 8.17 42.78
CA PRO B 141 -1.90 9.43 42.03
C PRO B 141 -1.91 9.17 40.52
N TYR B 142 -2.66 10.03 39.83
CA TYR B 142 -2.81 9.94 38.40
C TYR B 142 -1.45 9.78 37.71
N THR B 143 -0.47 10.64 38.06
CA THR B 143 0.87 10.55 37.43
C THR B 143 1.62 9.26 37.68
N GLN B 144 1.35 8.63 38.82
CA GLN B 144 2.00 7.39 39.15
CA GLN B 144 2.00 7.37 39.17
C GLN B 144 1.25 6.19 38.56
N ASP B 145 0.01 6.41 38.16
CA ASP B 145 -0.80 5.35 37.59
C ASP B 145 -0.57 5.14 36.10
N LYS B 146 0.28 5.94 35.48
CA LYS B 146 0.55 5.91 34.04
C LYS B 146 1.36 4.68 33.66
N HIS B 147 0.83 3.96 32.68
CA HIS B 147 1.50 2.83 32.06
C HIS B 147 1.94 3.23 30.67
N ARG B 148 3.24 3.08 30.40
CA ARG B 148 3.84 3.50 29.12
C ARG B 148 4.38 2.30 28.33
N GLY B 149 4.29 2.38 27.01
CA GLY B 149 5.03 1.53 26.15
C GLY B 149 6.44 1.99 25.88
N LYS B 150 7.27 1.11 25.35
CA LYS B 150 8.62 1.48 24.92
C LYS B 150 8.71 1.83 23.44
N SER B 151 7.90 1.17 22.61
CA SER B 151 7.91 1.44 21.20
C SER B 151 6.54 1.20 20.61
N SER B 152 6.31 1.82 19.46
CA SER B 152 5.13 1.52 18.68
C SER B 152 5.45 1.58 17.20
N TYR B 153 4.61 0.94 16.42
CA TYR B 153 4.91 0.67 15.03
C TYR B 153 3.69 0.20 14.26
N ASN B 154 3.74 0.45 12.95
CA ASN B 154 2.81 -0.21 12.04
C ASN B 154 3.33 -1.57 11.69
N VAL B 155 2.42 -2.53 11.57
CA VAL B 155 2.79 -3.88 11.17
C VAL B 155 2.60 -3.98 9.68
N LYS B 156 3.53 -4.65 9.02
CA LYS B 156 3.48 -4.87 7.59
C LYS B 156 2.13 -5.39 7.10
N ASN B 157 1.64 -4.92 5.96
CA ASN B 157 0.44 -5.51 5.33
C ASN B 157 0.81 -6.84 4.70
N ASP B 158 0.93 -7.84 5.58
CA ASP B 158 1.31 -9.17 5.15
C ASP B 158 0.73 -10.12 6.18
N GLU B 159 -0.10 -11.03 5.71
CA GLU B 159 -0.76 -12.00 6.59
C GLU B 159 0.24 -12.68 7.57
N LYS B 160 1.35 -13.21 7.04
CA LYS B 160 2.29 -13.97 7.89
C LYS B 160 2.96 -13.06 8.93
N ALA B 161 3.24 -11.81 8.53
CA ALA B 161 3.84 -10.85 9.47
C ALA B 161 2.90 -10.60 10.64
N ILE B 162 1.63 -10.44 10.31
CA ILE B 162 0.60 -10.11 11.32
C ILE B 162 0.47 -11.35 12.25
N GLN B 163 0.41 -12.54 11.65
CA GLN B 163 0.36 -13.79 12.50
C GLN B 163 1.51 -13.87 13.48
N LYS B 164 2.71 -13.71 12.96
CA LYS B 164 3.90 -13.83 13.77
C LYS B 164 3.93 -12.76 14.87
N GLU B 165 3.44 -11.57 14.56
CA GLU B 165 3.44 -10.50 15.54
C GLU B 165 2.51 -10.82 16.70
N ILE B 166 1.36 -11.35 16.35
CA ILE B 166 0.34 -11.69 17.36
C ILE B 166 0.86 -12.83 18.23
N MET B 167 1.40 -13.89 17.62
CA MET B 167 1.87 -15.05 18.40
CA MET B 167 1.76 -15.02 18.50
C MET B 167 3.01 -14.70 19.34
N LYS B 168 3.87 -13.80 18.91
CA LYS B 168 5.02 -13.43 19.70
C LYS B 168 4.73 -12.43 20.80
N TYR B 169 3.98 -11.38 20.45
CA TYR B 169 3.87 -10.20 21.32
C TYR B 169 2.47 -9.97 21.84
N GLY B 170 1.47 -10.60 21.20
CA GLY B 170 0.09 -10.50 21.64
C GLY B 170 -0.82 -9.76 20.68
N PRO B 171 -2.08 -9.57 21.05
CA PRO B 171 -3.08 -8.95 20.18
C PRO B 171 -2.65 -7.59 19.63
N VAL B 172 -3.13 -7.28 18.45
CA VAL B 172 -2.81 -6.03 17.74
C VAL B 172 -4.08 -5.26 17.54
N GLU B 173 -3.94 -3.96 17.32
CA GLU B 173 -5.09 -3.18 16.85
C GLU B 173 -5.11 -3.15 15.31
N ALA B 174 -6.30 -3.06 14.75
CA ALA B 174 -6.44 -3.00 13.27
C ALA B 174 -7.63 -2.16 12.88
N GLY B 175 -7.52 -1.49 11.75
CA GLY B 175 -8.58 -0.70 11.18
C GLY B 175 -9.18 -1.39 9.96
N PHE B 176 -10.48 -1.23 9.76
CA PHE B 176 -11.14 -1.82 8.58
C PHE B 176 -12.31 -0.94 8.15
N THR B 177 -12.69 -1.12 6.87
CA THR B 177 -13.76 -0.39 6.27
C THR B 177 -15.10 -0.98 6.61
N VAL B 178 -16.01 -0.13 7.13
CA VAL B 178 -17.34 -0.55 7.49
C VAL B 178 -18.28 -0.26 6.35
N TYR B 179 -18.88 -1.29 5.85
CA TYR B 179 -19.93 -1.20 4.82
C TYR B 179 -21.25 -1.55 5.49
N GLU B 180 -22.38 -1.17 4.89
CA GLU B 180 -23.68 -1.38 5.53
C GLU B 180 -23.91 -2.83 6.02
N ASP B 181 -23.45 -3.84 5.28
CA ASP B 181 -23.75 -5.24 5.65
C ASP B 181 -23.07 -5.65 6.94
N PHE B 182 -22.00 -4.94 7.35
CA PHE B 182 -21.32 -5.31 8.62
C PHE B 182 -22.25 -5.05 9.78
N LEU B 183 -23.10 -4.04 9.66
CA LEU B 183 -23.98 -3.73 10.77
C LEU B 183 -25.11 -4.76 10.97
N ASN B 184 -25.26 -5.69 10.04
CA ASN B 184 -26.18 -6.84 10.21
C ASN B 184 -25.51 -8.13 10.60
N TYR B 185 -24.23 -8.07 10.97
CA TYR B 185 -23.50 -9.29 11.32
C TYR B 185 -24.05 -9.89 12.60
N LYS B 186 -24.31 -11.20 12.56
CA LYS B 186 -24.68 -11.98 13.73
C LYS B 186 -23.68 -13.09 14.00
N SER B 187 -23.19 -13.77 12.95
CA SER B 187 -22.25 -14.87 13.12
C SER B 187 -21.54 -15.17 11.81
N GLY B 188 -20.52 -15.99 11.93
CA GLY B 188 -19.81 -16.53 10.76
C GLY B 188 -18.58 -15.74 10.41
N ILE B 189 -18.04 -16.03 9.22
CA ILE B 189 -16.84 -15.40 8.74
C ILE B 189 -17.32 -14.26 7.85
N TYR B 190 -17.18 -13.04 8.36
CA TYR B 190 -17.68 -11.86 7.63
C TYR B 190 -16.87 -11.60 6.37
N LYS B 191 -17.58 -11.22 5.31
CA LYS B 191 -16.94 -10.58 4.16
C LYS B 191 -17.97 -9.61 3.53
N HIS B 192 -17.48 -8.51 3.04
CA HIS B 192 -18.40 -7.54 2.42
C HIS B 192 -18.97 -8.07 1.11
N ILE B 193 -20.28 -8.09 1.02
CA ILE B 193 -20.96 -8.48 -0.24
C ILE B 193 -21.91 -7.37 -0.74
N THR B 194 -22.64 -6.72 0.18
CA THR B 194 -23.58 -5.74 -0.18
C THR B 194 -23.52 -4.49 0.72
N GLY B 195 -24.05 -3.34 0.25
CA GLY B 195 -24.11 -2.18 1.12
C GLY B 195 -23.02 -1.15 0.80
N GLU B 196 -23.34 0.10 1.09
CA GLU B 196 -22.49 1.24 0.81
C GLU B 196 -21.42 1.42 1.89
N THR B 197 -20.35 2.14 1.53
CA THR B 197 -19.33 2.57 2.51
C THR B 197 -19.95 3.47 3.54
N LEU B 198 -19.67 3.22 4.79
CA LEU B 198 -20.09 4.01 5.93
C LEU B 198 -18.93 4.77 6.56
N GLY B 199 -17.87 4.05 6.90
CA GLY B 199 -16.77 4.65 7.63
C GLY B 199 -15.72 3.60 7.91
N GLY B 200 -15.02 3.81 9.02
CA GLY B 200 -13.99 2.87 9.46
C GLY B 200 -14.15 2.47 10.89
N HIS B 201 -13.67 1.27 11.23
CA HIS B 201 -13.80 0.76 12.60
C HIS B 201 -12.44 0.22 13.01
N ALA B 202 -12.10 0.35 14.27
CA ALA B 202 -10.83 -0.05 14.85
C ALA B 202 -11.11 -1.08 15.92
N ILE B 203 -10.45 -2.23 15.81
CA ILE B 203 -10.73 -3.40 16.68
C ILE B 203 -9.41 -4.08 17.07
N ARG B 204 -9.52 -5.24 17.71
CA ARG B 204 -8.37 -5.96 18.29
C ARG B 204 -8.32 -7.35 17.70
N ILE B 205 -7.29 -7.68 16.94
CA ILE B 205 -7.15 -9.02 16.39
C ILE B 205 -6.41 -9.88 17.43
N ILE B 206 -7.07 -10.96 17.86
CA ILE B 206 -6.51 -11.83 18.89
C ILE B 206 -6.01 -13.18 18.38
N GLY B 207 -6.35 -13.55 17.16
CA GLY B 207 -5.90 -14.85 16.64
C GLY B 207 -6.49 -15.13 15.26
N TRP B 208 -6.42 -16.38 14.86
CA TRP B 208 -6.88 -16.83 13.54
C TRP B 208 -7.24 -18.31 13.59
N GLY B 209 -7.96 -18.71 12.55
CA GLY B 209 -8.33 -20.11 12.39
C GLY B 209 -8.84 -20.38 11.02
N VAL B 210 -9.39 -21.58 10.86
CA VAL B 210 -9.95 -22.03 9.59
C VAL B 210 -11.27 -22.76 9.88
N GLU B 211 -12.29 -22.46 9.10
CA GLU B 211 -13.56 -23.19 9.20
C GLU B 211 -13.99 -23.67 7.80
N ASN B 212 -14.24 -24.98 7.68
CA ASN B 212 -14.57 -25.55 6.36
C ASN B 212 -13.60 -25.04 5.29
N LYS B 213 -12.30 -25.07 5.61
CA LYS B 213 -11.19 -24.68 4.73
C LYS B 213 -11.10 -23.16 4.47
N ALA B 214 -11.94 -22.38 5.11
CA ALA B 214 -11.93 -20.91 4.91
C ALA B 214 -11.13 -20.22 6.00
N PRO B 215 -10.07 -19.45 5.63
CA PRO B 215 -9.26 -18.79 6.68
C PRO B 215 -9.89 -17.54 7.20
N TYR B 216 -9.74 -17.33 8.52
CA TYR B 216 -10.29 -16.15 9.13
C TYR B 216 -9.33 -15.56 10.17
N TRP B 217 -9.60 -14.30 10.50
CA TRP B 217 -9.06 -13.60 11.70
C TRP B 217 -10.11 -13.64 12.79
N LEU B 218 -9.69 -13.89 14.02
CA LEU B 218 -10.56 -13.79 15.19
C LEU B 218 -10.37 -12.43 15.87
N ILE B 219 -11.48 -11.69 15.99
CA ILE B 219 -11.42 -10.30 16.39
C ILE B 219 -12.36 -10.01 17.56
N ALA B 220 -11.84 -9.32 18.59
CA ALA B 220 -12.65 -8.75 19.66
C ALA B 220 -13.22 -7.42 19.19
N ASN B 221 -14.55 -7.33 19.10
CA ASN B 221 -15.21 -6.02 18.88
C ASN B 221 -15.37 -5.35 20.27
N SER B 222 -15.73 -4.09 20.30
CA SER B 222 -15.94 -3.28 21.50
C SER B 222 -17.39 -2.77 21.60
N TRP B 223 -18.34 -3.66 21.24
CA TRP B 223 -19.77 -3.37 21.23
C TRP B 223 -20.50 -4.26 22.25
N ASN B 224 -19.78 -4.70 23.28
CA ASN B 224 -20.29 -5.59 24.34
C ASN B 224 -20.52 -7.02 23.88
N GLU B 225 -20.73 -7.88 24.88
CA GLU B 225 -20.77 -9.33 24.66
C GLU B 225 -22.04 -9.84 23.92
N ASP B 226 -23.04 -8.97 23.75
CA ASP B 226 -24.30 -9.34 23.09
C ASP B 226 -24.12 -9.30 21.60
N TRP B 227 -23.18 -8.48 21.12
CA TRP B 227 -23.00 -8.34 19.68
C TRP B 227 -22.23 -9.51 19.11
N GLY B 228 -22.62 -9.98 17.93
CA GLY B 228 -21.79 -10.95 17.21
C GLY B 228 -21.70 -12.29 17.90
N GLU B 229 -20.49 -12.86 17.85
CA GLU B 229 -20.19 -14.14 18.47
C GLU B 229 -19.67 -13.93 19.90
N ASN B 230 -20.57 -13.63 20.82
CA ASN B 230 -20.20 -13.33 22.21
C ASN B 230 -19.22 -12.17 22.33
N GLY B 231 -19.41 -11.19 21.45
CA GLY B 231 -18.60 -10.00 21.42
C GLY B 231 -17.49 -10.01 20.40
N TYR B 232 -17.22 -11.15 19.81
CA TYR B 232 -16.18 -11.32 18.79
C TYR B 232 -16.84 -11.40 17.40
N PHE B 233 -16.01 -11.24 16.36
CA PHE B 233 -16.38 -11.67 15.05
C PHE B 233 -15.18 -12.30 14.34
N ARG B 234 -15.44 -12.96 13.24
CA ARG B 234 -14.41 -13.49 12.39
C ARG B 234 -14.57 -12.79 11.02
N ILE B 235 -13.47 -12.61 10.30
CA ILE B 235 -13.46 -11.98 9.00
C ILE B 235 -12.46 -12.73 8.14
N VAL B 236 -12.72 -12.73 6.83
CA VAL B 236 -11.77 -13.36 5.88
C VAL B 236 -10.32 -12.87 6.13
N ARG B 237 -9.37 -13.81 6.15
CA ARG B 237 -8.00 -13.54 6.32
C ARG B 237 -7.23 -13.85 5.01
N GLY B 238 -6.32 -12.94 4.65
CA GLY B 238 -5.36 -13.18 3.59
C GLY B 238 -5.73 -12.52 2.29
N ARG B 239 -6.86 -11.83 2.27
CA ARG B 239 -7.28 -11.13 1.04
C ARG B 239 -7.43 -9.63 1.25
N ASP B 240 -6.82 -9.11 2.32
CA ASP B 240 -7.04 -7.70 2.72
C ASP B 240 -8.52 -7.28 2.69
N GLU B 241 -9.36 -8.15 3.22
CA GLU B 241 -10.78 -7.95 3.26
C GLU B 241 -11.15 -6.69 4.02
N CYS B 242 -11.86 -5.76 3.36
CA CYS B 242 -12.19 -4.53 4.06
C CYS B 242 -10.92 -3.78 4.56
N SER B 243 -9.79 -3.99 3.89
CA SER B 243 -8.53 -3.41 4.31
C SER B 243 -8.07 -3.85 5.69
N ILE B 244 -8.55 -5.01 6.16
CA ILE B 244 -8.20 -5.49 7.53
C ILE B 244 -6.71 -5.71 7.74
N GLU B 245 -5.91 -5.96 6.67
CA GLU B 245 -4.50 -6.17 6.85
C GLU B 245 -3.64 -4.89 6.62
N SER B 246 -4.31 -3.75 6.40
CA SER B 246 -3.66 -2.51 5.93
C SER B 246 -3.35 -1.48 7.00
N GLU B 247 -4.02 -1.57 8.17
CA GLU B 247 -3.86 -0.57 9.24
C GLU B 247 -3.62 -1.25 10.57
N VAL B 248 -2.77 -2.23 10.53
CA VAL B 248 -2.40 -2.96 11.76
C VAL B 248 -1.31 -2.17 12.51
N THR B 249 -1.56 -1.94 13.79
CA THR B 249 -0.72 -1.09 14.62
C THR B 249 -0.52 -1.77 16.00
N ALA B 250 0.67 -1.68 16.53
CA ALA B 250 0.97 -2.25 17.84
C ALA B 250 2.22 -1.64 18.45
N GLY B 251 2.74 -2.30 19.49
CA GLY B 251 3.80 -1.69 20.29
C GLY B 251 4.23 -2.63 21.39
N ARG B 252 5.34 -2.33 22.05
CA ARG B 252 5.91 -3.24 23.04
CA ARG B 252 5.98 -3.24 23.01
C ARG B 252 6.26 -2.48 24.30
N ILE B 253 6.19 -3.18 25.43
CA ILE B 253 6.45 -2.55 26.72
C ILE B 253 7.94 -2.54 27.02
N ASN B 254 8.69 -3.44 26.38
CA ASN B 254 10.14 -3.51 26.61
C ASN B 254 10.85 -3.92 25.32
N VAL C 1 11.15 1.33 -4.97
CA VAL C 1 10.74 1.64 -6.35
C VAL C 1 9.29 1.11 -6.56
N GLU C 2 8.47 1.86 -7.30
CA GLU C 2 7.11 1.40 -7.62
C GLU C 2 7.16 0.35 -8.72
N ILE C 3 6.21 -0.58 -8.70
CA ILE C 3 6.20 -1.72 -9.63
C ILE C 3 5.14 -1.45 -10.67
N PRO C 4 5.54 -1.33 -11.94
CA PRO C 4 4.51 -1.12 -12.95
C PRO C 4 3.58 -2.31 -13.10
N SER C 5 2.38 -2.08 -13.60
CA SER C 5 1.40 -3.17 -13.80
C SER C 5 1.86 -4.20 -14.82
N SER C 6 2.71 -3.77 -15.75
CA SER C 6 3.29 -4.66 -16.74
C SER C 6 4.72 -4.28 -16.95
N PHE C 7 5.51 -5.27 -17.35
CA PHE C 7 6.92 -5.09 -17.60
C PHE C 7 7.36 -6.19 -18.56
N ASP C 8 8.20 -5.79 -19.51
CA ASP C 8 8.76 -6.75 -20.47
C ASP C 8 10.21 -6.40 -20.65
N SER C 9 11.12 -7.30 -20.29
CA SER C 9 12.58 -7.07 -20.42
C SER C 9 12.98 -6.75 -21.84
N ARG C 10 12.23 -7.30 -22.82
CA ARG C 10 12.54 -6.98 -24.24
C ARG C 10 12.33 -5.48 -24.55
N LYS C 11 11.34 -4.85 -23.93
CA LYS C 11 10.99 -3.44 -24.18
C LYS C 11 11.95 -2.52 -23.42
N LYS C 12 12.45 -2.95 -22.28
CA LYS C 12 13.39 -2.10 -21.51
C LYS C 12 14.79 -2.11 -22.16
N TRP C 13 15.19 -3.26 -22.70
CA TRP C 13 16.55 -3.46 -23.25
C TRP C 13 16.54 -4.08 -24.66
N PRO C 14 15.94 -3.34 -25.63
CA PRO C 14 15.75 -3.92 -26.98
C PRO C 14 17.10 -4.13 -27.70
N ARG C 15 18.14 -3.41 -27.26
CA ARG C 15 19.47 -3.64 -27.88
C ARG C 15 20.02 -5.06 -27.57
N CYS C 16 19.46 -5.74 -26.55
CA CYS C 16 19.94 -7.08 -26.14
C CYS C 16 19.10 -8.14 -26.84
N LYS C 17 19.58 -8.59 -27.99
CA LYS C 17 18.80 -9.49 -28.84
C LYS C 17 18.60 -10.85 -28.18
N SER C 18 19.47 -11.23 -27.24
CA SER C 18 19.26 -12.52 -26.60
C SER C 18 17.96 -12.60 -25.81
N ILE C 19 17.48 -11.46 -25.31
CA ILE C 19 16.27 -11.50 -24.49
C ILE C 19 15.08 -12.04 -25.31
N ALA C 20 15.01 -11.70 -26.60
CA ALA C 20 13.99 -12.18 -27.49
C ALA C 20 14.33 -13.46 -28.25
N THR C 21 15.44 -14.10 -27.95
CA THR C 21 15.82 -15.38 -28.53
C THR C 21 15.06 -16.52 -27.81
N ILE C 22 14.49 -17.41 -28.59
CA ILE C 22 13.92 -18.64 -28.07
C ILE C 22 14.81 -19.79 -28.53
N ARG C 23 15.29 -20.57 -27.58
CA ARG C 23 16.20 -21.65 -27.84
C ARG C 23 15.45 -22.97 -27.90
N ASP C 24 16.16 -24.07 -28.21
CA ASP C 24 15.57 -25.42 -28.23
C ASP C 24 16.53 -26.44 -27.59
N GLN C 25 16.11 -27.05 -26.46
CA GLN C 25 16.88 -28.07 -25.75
C GLN C 25 17.04 -29.36 -26.53
N SER C 26 16.17 -29.54 -27.52
CA SER C 26 16.12 -30.80 -28.27
C SER C 26 15.75 -31.97 -27.33
N ARG C 27 16.26 -33.16 -27.64
CA ARG C 27 15.87 -34.38 -26.95
C ARG C 27 16.77 -34.65 -25.75
N CYS C 28 16.74 -33.74 -24.79
CA CYS C 28 17.64 -33.77 -23.66
C CYS C 28 16.99 -32.91 -22.59
N GLY C 29 17.03 -33.37 -21.34
CA GLY C 29 16.42 -32.63 -20.25
C GLY C 29 17.37 -31.58 -19.70
N SER C 30 17.83 -30.68 -20.58
CA SER C 30 18.84 -29.68 -20.25
C SER C 30 18.20 -28.35 -19.94
N CYS C 31 16.89 -28.35 -19.70
CA CYS C 31 16.16 -27.11 -19.38
C CYS C 31 16.89 -26.28 -18.32
N TRP C 32 17.36 -26.98 -17.27
CA TRP C 32 18.08 -26.32 -16.18
C TRP C 32 19.25 -25.46 -16.69
N ALA C 33 19.98 -25.97 -17.68
CA ALA C 33 21.12 -25.27 -18.25
C ALA C 33 20.68 -24.18 -19.25
N PHE C 34 19.61 -24.46 -19.98
CA PHE C 34 19.11 -23.48 -20.95
C PHE C 34 18.60 -22.22 -20.27
N GLY C 35 17.82 -22.37 -19.21
CA GLY C 35 17.24 -21.17 -18.55
C GLY C 35 18.40 -20.37 -17.94
N ALA C 36 19.45 -21.10 -17.45
CA ALA C 36 20.63 -20.44 -16.90
C ALA C 36 21.40 -19.64 -17.97
N VAL C 37 21.85 -20.34 -19.03
CA VAL C 37 22.70 -19.65 -20.02
C VAL C 37 21.94 -18.52 -20.74
N GLU C 38 20.63 -18.71 -20.97
CA GLU C 38 19.78 -17.69 -21.53
C GLU C 38 19.76 -16.45 -20.66
N ALA C 39 19.44 -16.63 -19.37
CA ALA C 39 19.36 -15.45 -18.46
C ALA C 39 20.74 -14.82 -18.23
N MET C 40 21.79 -15.64 -18.22
CA MET C 40 23.16 -15.11 -18.13
C MET C 40 23.54 -14.28 -19.36
N SER C 41 23.16 -14.76 -20.55
CA SER C 41 23.41 -14.00 -21.79
C SER C 41 22.70 -12.68 -21.74
N ASP C 42 21.44 -12.72 -21.31
CA ASP C 42 20.61 -11.51 -21.21
C ASP C 42 21.27 -10.52 -20.25
N ARG C 43 21.59 -11.02 -19.08
CA ARG C 43 22.16 -10.18 -18.02
C ARG C 43 23.56 -9.65 -18.33
N SER C 44 24.36 -10.42 -19.06
CA SER C 44 25.68 -9.94 -19.49
C SER C 44 25.50 -8.73 -20.41
N CYS C 45 24.57 -8.81 -21.36
CA CYS C 45 24.28 -7.70 -22.26
C CYS C 45 23.70 -6.45 -21.53
N ILE C 46 22.76 -6.70 -20.65
CA ILE C 46 22.11 -5.67 -19.87
C ILE C 46 23.14 -4.94 -19.02
N GLN C 47 23.91 -5.71 -18.25
CA GLN C 47 24.62 -5.18 -17.10
C GLN C 47 26.01 -4.71 -17.51
N SER C 48 26.39 -4.97 -18.76
CA SER C 48 27.69 -4.56 -19.31
C SER C 48 27.53 -3.38 -20.23
N GLY C 49 26.32 -2.83 -20.31
CA GLY C 49 26.01 -1.80 -21.28
C GLY C 49 26.37 -2.20 -22.71
N GLY C 50 26.32 -3.49 -23.01
CA GLY C 50 26.52 -3.99 -24.37
C GLY C 50 27.93 -4.38 -24.73
N LYS C 51 28.85 -4.30 -23.77
CA LYS C 51 30.23 -4.72 -24.00
C LYS C 51 30.35 -6.23 -24.26
N GLN C 52 29.57 -7.02 -23.51
CA GLN C 52 29.50 -8.48 -23.72
C GLN C 52 28.16 -8.90 -24.36
N ASN C 53 28.09 -8.93 -25.69
CA ASN C 53 26.91 -9.37 -26.43
C ASN C 53 27.12 -10.74 -27.04
N VAL C 54 26.95 -11.75 -26.21
CA VAL C 54 27.32 -13.11 -26.56
C VAL C 54 26.14 -14.07 -26.31
N GLU C 55 26.11 -15.20 -27.03
CA GLU C 55 25.17 -16.27 -26.72
C GLU C 55 25.98 -17.32 -26.00
N LEU C 56 25.71 -17.52 -24.71
CA LEU C 56 26.49 -18.49 -23.95
C LEU C 56 26.10 -19.94 -24.29
N SER C 57 27.11 -20.81 -24.22
CA SER C 57 26.98 -22.20 -24.62
C SER C 57 26.24 -23.06 -23.62
N ALA C 58 25.06 -23.53 -23.99
CA ALA C 58 24.35 -24.48 -23.15
C ALA C 58 25.16 -25.76 -23.00
N VAL C 59 25.73 -26.27 -24.07
CA VAL C 59 26.44 -27.55 -23.96
C VAL C 59 27.62 -27.47 -22.99
N ASP C 60 28.36 -26.36 -22.98
CA ASP C 60 29.48 -26.21 -22.05
C ASP C 60 29.02 -26.39 -20.61
N LEU C 61 27.97 -25.66 -20.25
CA LEU C 61 27.38 -25.85 -18.93
C LEU C 61 26.87 -27.28 -18.65
N LEU C 62 26.03 -27.77 -19.56
CA LEU C 62 25.44 -29.10 -19.49
C LEU C 62 26.50 -30.21 -19.31
N SER C 63 27.56 -30.14 -20.09
CA SER C 63 28.55 -31.21 -20.14
C SER C 63 29.65 -31.10 -19.10
N CYS C 64 29.94 -29.89 -18.64
CA CYS C 64 31.13 -29.66 -17.81
C CYS C 64 30.87 -29.43 -16.32
N CYS C 65 29.67 -29.00 -15.92
CA CYS C 65 29.43 -28.78 -14.51
C CYS C 65 29.22 -30.14 -13.85
N GLU C 66 30.07 -30.46 -12.88
CA GLU C 66 30.03 -31.73 -12.18
C GLU C 66 29.14 -31.73 -10.97
N SER C 67 28.76 -30.53 -10.51
CA SER C 67 27.91 -30.36 -9.33
C SER C 67 26.44 -29.93 -9.67
N CYS C 68 26.06 -30.07 -10.94
CA CYS C 68 24.78 -29.55 -11.46
C CYS C 68 23.78 -30.65 -11.73
N GLY C 69 24.01 -31.87 -11.19
CA GLY C 69 23.02 -32.92 -11.39
C GLY C 69 23.34 -33.99 -12.42
N LEU C 70 22.34 -34.37 -13.21
CA LEU C 70 22.42 -35.54 -14.10
C LEU C 70 22.39 -35.20 -15.61
N GLY C 71 22.78 -33.97 -15.95
CA GLY C 71 22.93 -33.55 -17.34
C GLY C 71 21.63 -33.59 -18.12
N CYS C 72 21.57 -34.46 -19.13
CA CYS C 72 20.35 -34.63 -19.91
C CYS C 72 19.20 -35.24 -19.12
N GLU C 73 19.48 -35.80 -17.94
CA GLU C 73 18.48 -36.42 -17.06
C GLU C 73 18.05 -35.51 -15.92
N GLY C 74 18.38 -34.21 -16.03
CA GLY C 74 17.91 -33.27 -15.04
C GLY C 74 18.97 -32.63 -14.20
N GLY C 75 18.79 -31.34 -13.89
CA GLY C 75 19.80 -30.58 -13.21
C GLY C 75 19.27 -29.60 -12.16
N ILE C 76 20.23 -28.92 -11.52
CA ILE C 76 20.03 -28.17 -10.28
C ILE C 76 20.40 -26.70 -10.60
N LEU C 77 19.47 -25.81 -10.32
CA LEU C 77 19.65 -24.39 -10.79
C LEU C 77 20.78 -23.60 -10.11
N GLY C 78 20.84 -23.63 -8.78
CA GLY C 78 21.83 -22.86 -8.04
C GLY C 78 23.24 -23.17 -8.47
N PRO C 79 23.61 -24.46 -8.41
CA PRO C 79 24.92 -24.87 -8.86
C PRO C 79 25.26 -24.48 -10.31
N ALA C 80 24.28 -24.33 -11.20
CA ALA C 80 24.60 -23.83 -12.55
C ALA C 80 25.08 -22.40 -12.52
N TRP C 81 24.39 -21.57 -11.74
CA TRP C 81 24.85 -20.18 -11.56
C TRP C 81 26.13 -20.06 -10.75
N ASP C 82 26.35 -20.96 -9.81
CA ASP C 82 27.65 -21.03 -9.13
C ASP C 82 28.77 -21.32 -10.11
N TYR C 83 28.52 -22.24 -11.05
CA TYR C 83 29.50 -22.63 -12.05
C TYR C 83 29.89 -21.45 -12.95
N TRP C 84 28.89 -20.69 -13.39
CA TRP C 84 29.14 -19.48 -14.16
C TRP C 84 30.05 -18.51 -13.40
N VAL C 85 29.82 -18.35 -12.12
CA VAL C 85 30.69 -17.51 -11.30
C VAL C 85 32.11 -18.08 -11.16
N LYS C 86 32.23 -19.36 -10.79
CA LYS C 86 33.57 -19.89 -10.53
C LYS C 86 34.34 -20.25 -11.80
N GLU C 87 33.74 -21.08 -12.65
CA GLU C 87 34.40 -21.59 -13.86
C GLU C 87 34.17 -20.77 -15.10
N GLY C 88 33.00 -20.16 -15.22
CA GLY C 88 32.62 -19.43 -16.42
C GLY C 88 32.05 -20.37 -17.47
N ILE C 89 31.44 -19.79 -18.49
CA ILE C 89 30.83 -20.55 -19.58
C ILE C 89 31.31 -19.88 -20.87
N VAL C 90 31.68 -20.68 -21.88
CA VAL C 90 32.12 -20.16 -23.17
C VAL C 90 30.90 -19.86 -24.05
N THR C 91 31.14 -19.32 -25.25
CA THR C 91 30.07 -19.02 -26.19
C THR C 91 29.59 -20.21 -27.01
N GLY C 92 28.40 -20.10 -27.59
CA GLY C 92 27.91 -21.23 -28.38
C GLY C 92 26.47 -21.09 -28.74
N SER C 93 26.20 -21.13 -30.05
CA SER C 93 24.85 -20.96 -30.58
C SER C 93 24.12 -22.32 -30.69
N SER C 94 23.00 -22.32 -31.42
CA SER C 94 22.30 -23.55 -31.79
C SER C 94 23.13 -24.39 -32.73
N LYS C 95 22.76 -25.67 -32.85
CA LYS C 95 23.39 -26.56 -33.83
C LYS C 95 23.31 -25.93 -35.22
N GLU C 96 22.15 -25.38 -35.54
CA GLU C 96 21.82 -24.92 -36.89
C GLU C 96 22.65 -23.68 -37.29
N ASN C 97 22.91 -22.78 -36.33
CA ASN C 97 23.75 -21.60 -36.55
C ASN C 97 25.25 -21.88 -36.39
N HIS C 98 25.59 -22.96 -35.68
CA HIS C 98 26.99 -23.41 -35.51
C HIS C 98 27.99 -22.26 -35.37
N ALA C 99 27.64 -21.35 -34.45
CA ALA C 99 28.40 -20.14 -34.16
C ALA C 99 28.97 -20.24 -32.76
N GLY C 100 30.08 -19.57 -32.52
CA GLY C 100 30.73 -19.55 -31.21
C GLY C 100 31.65 -20.73 -30.95
N CYS C 101 32.22 -20.75 -29.75
CA CYS C 101 33.16 -21.76 -29.30
C CYS C 101 32.55 -23.16 -29.31
N GLU C 102 31.37 -23.32 -28.68
CA GLU C 102 30.75 -24.66 -28.57
C GLU C 102 29.25 -24.64 -28.82
N PRO C 103 28.84 -24.77 -30.10
CA PRO C 103 27.43 -24.76 -30.44
C PRO C 103 26.73 -26.04 -29.99
N TYR C 104 25.41 -26.00 -29.92
CA TYR C 104 24.65 -27.12 -29.35
C TYR C 104 24.70 -28.29 -30.31
N PRO C 105 24.93 -29.51 -29.79
CA PRO C 105 25.06 -30.64 -30.70
C PRO C 105 23.76 -31.20 -31.26
N PHE C 106 22.62 -30.82 -30.68
CA PHE C 106 21.38 -31.50 -30.94
C PHE C 106 20.41 -30.67 -31.76
N PRO C 107 19.63 -31.33 -32.63
CA PRO C 107 18.80 -30.57 -33.57
C PRO C 107 17.48 -30.11 -32.99
N LYS C 108 16.88 -29.10 -33.63
CA LYS C 108 15.57 -28.64 -33.18
C LYS C 108 14.53 -29.74 -33.38
N CYS C 109 13.57 -29.84 -32.46
CA CYS C 109 12.50 -30.83 -32.59
C CYS C 109 11.28 -30.30 -31.87
N GLU C 110 10.11 -30.85 -32.20
CA GLU C 110 8.85 -30.32 -31.69
C GLU C 110 8.48 -31.04 -30.39
N HIS C 111 8.22 -30.22 -29.36
CA HIS C 111 7.95 -30.73 -28.03
C HIS C 111 6.45 -30.83 -27.82
N HIS C 112 5.90 -32.01 -28.07
CA HIS C 112 4.47 -32.27 -27.87
C HIS C 112 3.62 -31.17 -28.51
N THR C 113 3.98 -30.83 -29.74
CA THR C 113 3.31 -29.75 -30.44
C THR C 113 3.52 -29.88 -31.96
N LYS C 114 2.68 -29.15 -32.68
CA LYS C 114 2.69 -29.14 -34.16
C LYS C 114 3.75 -28.15 -34.68
N GLY C 115 4.51 -28.59 -35.69
CA GLY C 115 5.40 -27.70 -36.39
C GLY C 115 6.30 -28.30 -37.43
N LYS C 116 7.04 -27.42 -38.09
CA LYS C 116 7.87 -27.78 -39.23
C LYS C 116 9.07 -28.68 -38.90
N TYR C 117 9.43 -28.80 -37.62
CA TYR C 117 10.51 -29.71 -37.17
C TYR C 117 9.94 -31.10 -36.84
N PRO C 118 10.81 -32.13 -36.75
CA PRO C 118 10.32 -33.45 -36.44
C PRO C 118 9.94 -33.55 -34.98
N PRO C 119 8.95 -34.37 -34.65
CA PRO C 119 8.64 -34.57 -33.22
C PRO C 119 9.88 -35.01 -32.43
N CYS C 120 10.09 -34.40 -31.27
CA CYS C 120 11.13 -34.89 -30.36
C CYS C 120 11.00 -36.39 -30.05
N GLY C 121 9.77 -36.86 -29.86
CA GLY C 121 9.52 -38.25 -29.52
C GLY C 121 9.97 -38.51 -28.10
N SER C 122 10.35 -39.74 -27.82
CA SER C 122 10.59 -40.23 -26.46
C SER C 122 12.06 -40.50 -26.12
N LYS C 123 12.93 -40.55 -27.12
CA LYS C 123 14.38 -40.73 -26.92
C LYS C 123 14.93 -39.56 -26.15
N ILE C 124 15.80 -39.83 -25.17
CA ILE C 124 16.62 -38.77 -24.58
C ILE C 124 18.08 -39.07 -24.92
N TYR C 125 18.77 -38.10 -25.51
CA TYR C 125 20.19 -38.23 -25.80
C TYR C 125 20.98 -38.43 -24.52
N LYS C 126 22.11 -39.11 -24.65
CA LYS C 126 23.10 -39.21 -23.58
C LYS C 126 23.73 -37.84 -23.42
N THR C 127 24.08 -37.49 -22.19
CA THR C 127 24.73 -36.22 -21.93
C THR C 127 26.05 -36.14 -22.69
N PRO C 128 26.29 -35.03 -23.39
CA PRO C 128 27.57 -34.86 -24.08
C PRO C 128 28.77 -34.84 -23.13
N ARG C 129 29.90 -35.31 -23.64
CA ARG C 129 31.16 -35.28 -22.91
C ARG C 129 31.63 -33.81 -22.82
N CYS C 130 32.34 -33.47 -21.74
CA CYS C 130 32.93 -32.15 -21.55
C CYS C 130 34.18 -31.97 -22.42
N LYS C 131 33.98 -31.49 -23.65
CA LYS C 131 35.05 -31.43 -24.67
C LYS C 131 36.16 -30.41 -24.42
N GLN C 132 35.85 -29.28 -23.77
CA GLN C 132 36.90 -28.26 -23.48
C GLN C 132 37.82 -27.79 -24.65
N THR C 133 37.26 -27.80 -25.86
CA THR C 133 37.94 -27.36 -27.07
C THR C 133 36.89 -26.70 -27.95
N CYS C 134 37.12 -25.44 -28.32
CA CYS C 134 36.22 -24.79 -29.27
C CYS C 134 36.23 -25.50 -30.60
N GLN C 135 35.14 -25.35 -31.36
CA GLN C 135 35.08 -25.86 -32.71
C GLN C 135 36.23 -25.29 -33.57
N LYS C 136 36.68 -26.08 -34.54
CA LYS C 136 37.91 -25.76 -35.29
C LYS C 136 37.94 -24.32 -35.79
N LYS C 137 36.84 -23.86 -36.37
CA LYS C 137 36.83 -22.57 -37.06
C LYS C 137 36.80 -21.35 -36.11
N TYR C 138 36.25 -21.53 -34.92
CA TYR C 138 36.21 -20.44 -33.94
C TYR C 138 37.61 -20.10 -33.42
N LYS C 139 37.99 -18.83 -33.66
CA LYS C 139 39.35 -18.32 -33.43
C LYS C 139 39.82 -18.43 -31.99
N THR C 140 38.99 -17.98 -31.04
CA THR C 140 39.44 -17.81 -29.66
C THR C 140 39.57 -19.16 -28.96
N PRO C 141 40.67 -19.35 -28.20
CA PRO C 141 40.81 -20.61 -27.47
C PRO C 141 39.81 -20.74 -26.32
N TYR C 142 39.41 -21.98 -26.06
CA TYR C 142 38.38 -22.31 -25.07
C TYR C 142 38.51 -21.56 -23.75
N THR C 143 39.67 -21.68 -23.10
CA THR C 143 39.84 -21.13 -21.73
C THR C 143 39.70 -19.58 -21.73
N GLN C 144 40.03 -18.96 -22.85
CA GLN C 144 39.91 -17.50 -22.98
C GLN C 144 38.51 -17.06 -23.35
N ASP C 145 37.72 -17.98 -23.89
CA ASP C 145 36.35 -17.69 -24.33
C ASP C 145 35.37 -17.77 -23.16
N LYS C 146 35.87 -18.17 -21.98
CA LYS C 146 35.06 -18.27 -20.76
C LYS C 146 34.52 -16.89 -20.40
N HIS C 147 33.22 -16.81 -20.12
CA HIS C 147 32.60 -15.62 -19.52
C HIS C 147 32.07 -15.98 -18.14
N ARG C 148 32.39 -15.15 -17.16
CA ARG C 148 32.07 -15.45 -15.77
C ARG C 148 31.13 -14.44 -15.16
N GLY C 149 30.36 -14.87 -14.18
CA GLY C 149 29.58 -13.98 -13.36
C GLY C 149 30.38 -13.61 -12.13
N LYS C 150 29.91 -12.60 -11.42
CA LYS C 150 30.47 -12.19 -10.15
C LYS C 150 29.74 -12.79 -8.94
N SER C 151 28.42 -12.92 -9.04
CA SER C 151 27.58 -13.43 -7.97
C SER C 151 26.43 -14.32 -8.50
N SER C 152 25.97 -15.18 -7.61
CA SER C 152 24.99 -16.23 -7.84
C SER C 152 24.12 -16.21 -6.57
N TYR C 153 22.80 -16.16 -6.74
CA TYR C 153 21.88 -16.15 -5.61
C TYR C 153 20.50 -16.68 -5.96
N ASN C 154 19.82 -17.05 -4.89
CA ASN C 154 18.42 -17.37 -4.94
C ASN C 154 17.62 -16.11 -4.71
N VAL C 155 16.52 -15.98 -5.44
CA VAL C 155 15.64 -14.85 -5.25
C VAL C 155 14.52 -15.28 -4.31
N LYS C 156 14.15 -14.36 -3.43
CA LYS C 156 13.11 -14.57 -2.46
C LYS C 156 11.80 -15.04 -3.09
N ASN C 157 11.12 -15.99 -2.44
CA ASN C 157 9.75 -16.47 -2.88
CA ASN C 157 9.81 -16.45 -2.86
C ASN C 157 8.74 -15.40 -2.54
N ASP C 158 8.74 -14.32 -3.31
CA ASP C 158 7.84 -13.22 -3.10
C ASP C 158 7.65 -12.52 -4.42
N GLU C 159 6.42 -12.42 -4.86
CA GLU C 159 6.09 -11.77 -6.16
C GLU C 159 6.77 -10.43 -6.36
N LYS C 160 6.67 -9.55 -5.38
CA LYS C 160 7.24 -8.21 -5.55
C LYS C 160 8.75 -8.24 -5.61
N ALA C 161 9.38 -9.09 -4.80
CA ALA C 161 10.84 -9.24 -4.88
C ALA C 161 11.31 -9.72 -6.25
N ILE C 162 10.57 -10.67 -6.83
CA ILE C 162 10.91 -11.21 -8.14
C ILE C 162 10.70 -10.11 -9.21
N GLN C 163 9.60 -9.38 -9.11
CA GLN C 163 9.35 -8.25 -10.05
C GLN C 163 10.49 -7.26 -10.00
N LYS C 164 10.89 -6.85 -8.79
CA LYS C 164 11.92 -5.83 -8.64
C LYS C 164 13.26 -6.33 -9.19
N GLU C 165 13.52 -7.62 -8.96
CA GLU C 165 14.77 -8.26 -9.45
C GLU C 165 14.84 -8.19 -10.97
N ILE C 166 13.74 -8.61 -11.62
CA ILE C 166 13.71 -8.61 -13.09
C ILE C 166 13.87 -7.21 -13.66
N MET C 167 13.13 -6.25 -13.14
CA MET C 167 13.16 -4.94 -13.79
CA MET C 167 13.12 -4.89 -13.67
C MET C 167 14.49 -4.24 -13.51
N LYS C 168 15.18 -4.54 -12.41
CA LYS C 168 16.48 -3.91 -12.14
C LYS C 168 17.66 -4.60 -12.85
N TYR C 169 17.68 -5.94 -12.83
CA TYR C 169 18.88 -6.72 -13.22
C TYR C 169 18.67 -7.59 -14.43
N GLY C 170 17.41 -7.81 -14.79
CA GLY C 170 17.08 -8.59 -15.99
C GLY C 170 16.41 -9.94 -15.74
N PRO C 171 16.16 -10.69 -16.82
CA PRO C 171 15.51 -12.00 -16.68
C PRO C 171 16.16 -12.92 -15.66
N VAL C 172 15.31 -13.70 -15.05
CA VAL C 172 15.76 -14.69 -14.05
C VAL C 172 15.41 -16.08 -14.52
N GLU C 173 16.13 -17.08 -13.99
CA GLU C 173 15.77 -18.47 -14.17
C GLU C 173 14.75 -18.89 -13.07
N ALA C 174 13.83 -19.79 -13.41
CA ALA C 174 12.87 -20.31 -12.41
C ALA C 174 12.49 -21.73 -12.71
N GLY C 175 12.22 -22.49 -11.66
CA GLY C 175 11.71 -23.84 -11.81
C GLY C 175 10.25 -23.97 -11.43
N PHE C 176 9.55 -24.89 -12.07
CA PHE C 176 8.15 -25.13 -11.79
C PHE C 176 7.78 -26.60 -12.06
N THR C 177 6.67 -27.01 -11.44
CA THR C 177 6.18 -28.35 -11.55
C THR C 177 5.37 -28.55 -12.80
N VAL C 178 5.76 -29.57 -13.56
CA VAL C 178 5.08 -29.94 -14.78
C VAL C 178 4.07 -31.02 -14.47
N TYR C 179 2.80 -30.67 -14.68
CA TYR C 179 1.68 -31.55 -14.66
C TYR C 179 1.32 -31.93 -16.10
N GLU C 180 0.57 -33.02 -16.26
CA GLU C 180 0.23 -33.45 -17.62
C GLU C 180 -0.38 -32.38 -18.50
N ASP C 181 -1.25 -31.53 -17.97
CA ASP C 181 -1.90 -30.57 -18.86
C ASP C 181 -0.96 -29.54 -19.46
N PHE C 182 0.18 -29.27 -18.83
CA PHE C 182 1.15 -28.32 -19.41
C PHE C 182 1.62 -28.75 -20.80
N LEU C 183 1.66 -30.06 -21.01
CA LEU C 183 2.17 -30.56 -22.29
C LEU C 183 1.19 -30.25 -23.44
N ASN C 184 -0.04 -29.89 -23.11
CA ASN C 184 -1.08 -29.57 -24.12
C ASN C 184 -1.28 -28.06 -24.28
N TYR C 185 -0.49 -27.26 -23.56
CA TYR C 185 -0.55 -25.80 -23.73
C TYR C 185 -0.29 -25.33 -25.16
N LYS C 186 -1.20 -24.50 -25.66
CA LYS C 186 -1.04 -23.82 -26.94
C LYS C 186 -1.02 -22.33 -26.75
N SER C 187 -1.88 -21.78 -25.88
CA SER C 187 -1.93 -20.35 -25.64
C SER C 187 -2.68 -20.06 -24.37
N GLY C 188 -2.55 -18.82 -23.90
CA GLY C 188 -3.30 -18.30 -22.79
C GLY C 188 -2.46 -18.20 -21.54
N ILE C 189 -3.12 -17.91 -20.42
CA ILE C 189 -2.47 -17.93 -19.12
C ILE C 189 -2.64 -19.35 -18.54
N TYR C 190 -1.55 -20.09 -18.53
CA TYR C 190 -1.55 -21.42 -18.00
C TYR C 190 -1.83 -21.45 -16.48
N LYS C 191 -2.64 -22.43 -16.07
CA LYS C 191 -2.67 -22.86 -14.68
C LYS C 191 -2.96 -24.34 -14.66
N HIS C 192 -2.52 -25.03 -13.62
CA HIS C 192 -2.81 -26.45 -13.53
C HIS C 192 -4.28 -26.68 -13.18
N ILE C 193 -4.95 -27.39 -14.08
CA ILE C 193 -6.33 -27.76 -13.93
C ILE C 193 -6.50 -29.27 -13.86
N THR C 194 -5.80 -29.99 -14.73
CA THR C 194 -5.89 -31.46 -14.78
C THR C 194 -4.53 -32.12 -14.92
N GLY C 195 -4.47 -33.39 -14.51
CA GLY C 195 -3.33 -34.24 -14.85
C GLY C 195 -2.39 -34.47 -13.71
N GLU C 196 -1.64 -35.57 -13.77
CA GLU C 196 -0.73 -35.95 -12.70
C GLU C 196 0.61 -35.25 -12.81
N THR C 197 1.37 -35.28 -11.73
CA THR C 197 2.73 -34.78 -11.74
C THR C 197 3.58 -35.61 -12.67
N LEU C 198 4.36 -34.91 -13.49
CA LEU C 198 5.36 -35.54 -14.36
C LEU C 198 6.80 -35.30 -13.90
N GLY C 199 7.12 -34.06 -13.57
CA GLY C 199 8.46 -33.65 -13.23
C GLY C 199 8.55 -32.15 -13.03
N GLY C 200 9.72 -31.61 -13.33
CA GLY C 200 10.02 -30.21 -13.14
C GLY C 200 10.67 -29.65 -14.38
N HIS C 201 10.40 -28.37 -14.61
CA HIS C 201 10.95 -27.61 -15.79
C HIS C 201 11.55 -26.33 -15.30
N ALA C 202 12.62 -25.89 -15.97
CA ALA C 202 13.35 -24.70 -15.64
C ALA C 202 13.33 -23.81 -16.87
N ILE C 203 12.94 -22.56 -16.62
CA ILE C 203 12.65 -21.60 -17.70
C ILE C 203 13.13 -20.22 -17.32
N ARG C 204 12.84 -19.24 -18.20
CA ARG C 204 13.37 -17.88 -18.02
C ARG C 204 12.21 -16.90 -17.93
N ILE C 205 12.05 -16.26 -16.78
CA ILE C 205 10.98 -15.28 -16.60
C ILE C 205 11.51 -13.92 -17.10
N ILE C 206 10.80 -13.32 -18.07
CA ILE C 206 11.24 -12.06 -18.72
C ILE C 206 10.37 -10.86 -18.35
N GLY C 207 9.23 -11.08 -17.74
CA GLY C 207 8.33 -9.96 -17.41
C GLY C 207 7.02 -10.43 -16.86
N TRP C 208 6.04 -9.55 -16.91
CA TRP C 208 4.73 -9.81 -16.39
C TRP C 208 3.72 -8.85 -17.00
N GLY C 209 2.46 -9.20 -16.79
CA GLY C 209 1.35 -8.38 -17.24
C GLY C 209 0.03 -8.82 -16.64
N VAL C 210 -1.02 -8.24 -17.19
CA VAL C 210 -2.38 -8.49 -16.78
C VAL C 210 -3.25 -8.59 -18.03
N GLU C 211 -4.11 -9.60 -18.07
CA GLU C 211 -5.08 -9.72 -19.14
C GLU C 211 -6.46 -9.92 -18.53
N ASN C 212 -7.37 -8.98 -18.81
CA ASN C 212 -8.69 -8.97 -18.16
C ASN C 212 -8.56 -9.13 -16.65
N LYS C 213 -7.74 -8.29 -16.03
CA LYS C 213 -7.56 -8.34 -14.57
C LYS C 213 -6.85 -9.60 -14.07
N ALA C 214 -6.52 -10.57 -14.91
CA ALA C 214 -5.78 -11.77 -14.46
C ALA C 214 -4.26 -11.56 -14.56
N PRO C 215 -3.54 -11.67 -13.41
CA PRO C 215 -2.10 -11.41 -13.46
C PRO C 215 -1.30 -12.63 -13.94
N TYR C 216 -0.27 -12.35 -14.73
CA TYR C 216 0.60 -13.39 -15.26
C TYR C 216 2.07 -13.04 -15.25
N TRP C 217 2.89 -14.12 -15.25
CA TRP C 217 4.32 -14.00 -15.66
C TRP C 217 4.45 -14.34 -17.14
N LEU C 218 5.34 -13.61 -17.79
CA LEU C 218 5.73 -13.84 -19.18
C LEU C 218 7.05 -14.61 -19.17
N ILE C 219 7.04 -15.79 -19.79
CA ILE C 219 8.14 -16.75 -19.70
C ILE C 219 8.57 -17.19 -21.07
N ALA C 220 9.88 -17.14 -21.30
CA ALA C 220 10.49 -17.80 -22.48
C ALA C 220 10.72 -19.28 -22.19
N ASN C 221 10.10 -20.16 -22.98
CA ASN C 221 10.41 -21.61 -22.91
C ASN C 221 11.60 -21.86 -23.83
N SER C 222 12.13 -23.08 -23.79
CA SER C 222 13.29 -23.52 -24.55
C SER C 222 12.90 -24.74 -25.40
N TRP C 223 11.73 -24.66 -26.03
CA TRP C 223 11.23 -25.70 -26.90
C TRP C 223 10.98 -25.19 -28.34
N ASN C 224 11.75 -24.16 -28.73
CA ASN C 224 11.65 -23.49 -30.03
C ASN C 224 10.41 -22.61 -30.20
N GLU C 225 10.43 -21.84 -31.30
CA GLU C 225 9.47 -20.80 -31.58
C GLU C 225 8.08 -21.36 -31.96
N ASP C 226 8.00 -22.63 -32.36
CA ASP C 226 6.71 -23.22 -32.74
C ASP C 226 5.84 -23.56 -31.54
N TRP C 227 6.46 -23.76 -30.37
CA TRP C 227 5.73 -24.10 -29.17
C TRP C 227 5.06 -22.89 -28.52
N GLY C 228 3.84 -23.08 -28.05
CA GLY C 228 3.16 -22.04 -27.24
C GLY C 228 2.95 -20.77 -28.02
N GLU C 229 3.21 -19.63 -27.36
CA GLU C 229 2.91 -18.29 -27.94
C GLU C 229 4.21 -17.82 -28.56
N ASN C 230 4.53 -18.34 -29.75
CA ASN C 230 5.83 -18.00 -30.42
C ASN C 230 7.05 -18.31 -29.56
N GLY C 231 6.92 -19.38 -28.75
CA GLY C 231 8.00 -19.89 -27.92
C GLY C 231 7.92 -19.51 -26.46
N TYR C 232 6.99 -18.62 -26.16
CA TYR C 232 6.77 -18.12 -24.80
C TYR C 232 5.51 -18.75 -24.22
N PHE C 233 5.33 -18.62 -22.91
CA PHE C 233 4.03 -18.85 -22.34
C PHE C 233 3.78 -17.85 -21.26
N ARG C 234 2.54 -17.80 -20.84
CA ARG C 234 2.15 -17.02 -19.66
C ARG C 234 1.58 -18.02 -18.62
N ILE C 235 1.81 -17.69 -17.38
CA ILE C 235 1.37 -18.51 -16.25
C ILE C 235 0.82 -17.56 -15.16
N VAL C 236 -0.15 -18.03 -14.40
CA VAL C 236 -0.66 -17.27 -13.26
C VAL C 236 0.49 -16.77 -12.39
N ARG C 237 0.40 -15.50 -12.01
CA ARG C 237 1.35 -14.82 -11.13
C ARG C 237 0.71 -14.50 -9.77
N GLY C 238 1.47 -14.74 -8.70
CA GLY C 238 1.12 -14.26 -7.36
C GLY C 238 0.55 -15.34 -6.46
N ARG C 239 0.42 -16.57 -6.96
CA ARG C 239 -0.20 -17.67 -6.19
C ARG C 239 0.72 -18.85 -6.09
N ASP C 240 1.99 -18.64 -6.37
CA ASP C 240 2.96 -19.73 -6.47
C ASP C 240 2.39 -20.90 -7.26
N GLU C 241 1.81 -20.59 -8.41
CA GLU C 241 1.24 -21.58 -9.34
C GLU C 241 2.33 -22.55 -9.82
N CYS C 242 2.14 -23.84 -9.56
CA CYS C 242 3.12 -24.85 -9.92
C CYS C 242 4.50 -24.57 -9.31
N SER C 243 4.51 -23.88 -8.18
CA SER C 243 5.72 -23.50 -7.47
C SER C 243 6.60 -22.52 -8.27
N ILE C 244 5.99 -21.77 -9.20
CA ILE C 244 6.74 -20.86 -10.07
C ILE C 244 7.49 -19.73 -9.36
N GLU C 245 7.05 -19.36 -8.17
CA GLU C 245 7.75 -18.35 -7.37
C GLU C 245 8.71 -18.94 -6.33
N SER C 246 8.93 -20.25 -6.32
CA SER C 246 9.69 -20.92 -5.27
C SER C 246 11.16 -21.30 -5.57
N GLU C 247 11.55 -21.30 -6.84
CA GLU C 247 12.85 -21.80 -7.29
C GLU C 247 13.48 -20.75 -8.22
N VAL C 248 13.35 -19.46 -7.88
CA VAL C 248 13.88 -18.40 -8.73
C VAL C 248 15.35 -18.16 -8.39
N THR C 249 16.19 -18.12 -9.40
CA THR C 249 17.63 -18.16 -9.30
C THR C 249 18.23 -17.18 -10.32
N ALA C 250 19.26 -16.43 -9.94
CA ALA C 250 19.94 -15.53 -10.87
C ALA C 250 21.35 -15.15 -10.34
N GLY C 251 21.92 -14.08 -10.87
CA GLY C 251 23.20 -13.64 -10.47
C GLY C 251 23.59 -12.45 -11.31
N ARG C 252 24.76 -11.89 -11.01
CA ARG C 252 25.19 -10.66 -11.68
C ARG C 252 26.63 -10.72 -12.18
N ILE C 253 26.94 -9.94 -13.20
CA ILE C 253 28.30 -9.93 -13.78
C ILE C 253 29.21 -8.95 -13.04
N ASN C 254 28.63 -7.95 -12.39
CA ASN C 254 29.43 -6.97 -11.66
C ASN C 254 28.67 -6.40 -10.49
#